data_6WKB
#
_entry.id   6WKB
#
_cell.length_a   144.191
_cell.length_b   144.191
_cell.length_c   188.196
_cell.angle_alpha   90.00
_cell.angle_beta   90.00
_cell.angle_gamma   120.00
#
_symmetry.space_group_name_H-M   'P 63 2 2'
#
loop_
_entity.id
_entity.type
_entity.pdbx_description
1 polymer 'S-adenosylmethionine synthase isoform type-2'
2 non-polymer "5'-deoxyuridine"
3 non-polymer D-METHIONINE
4 non-polymer 1,2-ETHANEDIOL
5 non-polymer METHIONINE
6 water water
#
_entity_poly.entity_id   1
_entity_poly.type   'polypeptide(L)'
_entity_poly.pdbx_seq_one_letter_code
;MNGQLNGFHEAFIEEGTFLFTSESVGEGHPDKICDQISDAVLDAHLQQDPDAKVACETVAKTGMILLAGEITSRAAVDYQ
KVVREAVKHIGYDDSSKGFDYKTCNVLVALEQQSPDIAQGVHLDRNEEDIGAGDQGLMFGYATDETEECMPLTIVLAHKL
NAKLAELRRNGTLPWLRPDSKTQVTVQYMQDRGAVLPIRVHTIVISVQHDEEVCLDEMRDALKEKVIKAVVPAKYLDEDT
IYHLQPSGRFVIGGPQGDAGLTGRKIIVDTYGGWGAHGGGAFSGKDYTKVDRSAAYAARWVAKSLVKGGLCRRVLVQVSY
AIGVSHPLSISIFHYGTSQKSERELLEIVKKNFDLRPGVIVRDLDLKKPIYQRTAAYGHFGRDSFPWEVPKKLKY
;
_entity_poly.pdbx_strand_id   A,B
#
loop_
_chem_comp.id
_chem_comp.type
_chem_comp.name
_chem_comp.formula
EDO non-polymer 1,2-ETHANEDIOL 'C2 H6 O2'
U4P non-polymer 5'-deoxyuridine 'C9 H12 N2 O5'
#
# COMPACT_ATOMS: atom_id res chain seq x y z
N GLU A 15 0.49 -30.21 11.28
CA GLU A 15 -0.69 -29.35 11.41
C GLU A 15 -1.29 -29.04 10.05
N GLY A 16 -0.65 -28.13 9.32
CA GLY A 16 -1.17 -27.68 8.05
C GLY A 16 -2.25 -26.62 8.15
N THR A 17 -2.48 -26.07 9.33
CA THR A 17 -3.49 -25.05 9.55
C THR A 17 -2.82 -23.73 9.91
N PHE A 18 -3.53 -22.62 9.64
CA PHE A 18 -2.99 -21.30 9.91
C PHE A 18 -4.14 -20.30 9.96
N LEU A 19 -3.86 -19.17 10.60
CA LEU A 19 -4.80 -18.06 10.67
C LEU A 19 -4.41 -16.99 9.66
N PHE A 20 -5.43 -16.35 9.08
CA PHE A 20 -5.23 -15.25 8.15
C PHE A 20 -6.26 -14.17 8.42
N THR A 21 -5.83 -12.92 8.34
CA THR A 21 -6.68 -11.79 8.67
C THR A 21 -6.71 -10.80 7.52
N SER A 22 -7.88 -10.20 7.29
CA SER A 22 -8.05 -9.11 6.35
C SER A 22 -9.02 -8.11 6.94
N GLU A 23 -8.90 -6.85 6.51
CA GLU A 23 -9.74 -5.79 7.04
C GLU A 23 -10.43 -5.04 5.91
N SER A 24 -11.47 -4.31 6.28
CA SER A 24 -12.20 -3.46 5.35
C SER A 24 -12.70 -2.24 6.12
N VAL A 25 -13.09 -1.22 5.36
CA VAL A 25 -13.53 0.04 5.94
C VAL A 25 -14.78 0.52 5.20
N GLY A 26 -15.59 1.31 5.91
CA GLY A 26 -16.81 1.84 5.34
C GLY A 26 -16.58 3.06 4.49
N GLU A 27 -17.66 3.54 3.87
CA GLU A 27 -17.58 4.73 3.04
C GLU A 27 -17.22 5.98 3.84
N GLY A 28 -17.45 5.97 5.16
CA GLY A 28 -17.13 7.08 6.02
C GLY A 28 -15.71 7.12 6.54
N HIS A 29 -14.92 6.08 6.30
CA HIS A 29 -13.53 6.11 6.72
C HIS A 29 -12.78 7.18 5.93
N PRO A 30 -11.94 7.98 6.61
CA PRO A 30 -11.30 9.13 5.92
C PRO A 30 -10.57 8.76 4.65
N ASP A 31 -9.81 7.66 4.65
CA ASP A 31 -9.08 7.26 3.44
C ASP A 31 -10.01 6.89 2.30
N LYS A 32 -11.17 6.29 2.62
CA LYS A 32 -12.12 5.95 1.58
C LYS A 32 -12.99 7.12 1.14
N ILE A 33 -13.15 8.13 2.01
CA ILE A 33 -13.78 9.37 1.57
C ILE A 33 -12.96 10.00 0.45
N CYS A 34 -11.63 9.96 0.58
CA CYS A 34 -10.77 10.49 -0.47
C CYS A 34 -10.82 9.62 -1.72
N ASP A 35 -10.81 8.29 -1.54
CA ASP A 35 -10.92 7.39 -2.69
C ASP A 35 -12.24 7.61 -3.42
N GLN A 36 -13.32 7.85 -2.68
CA GLN A 36 -14.62 8.02 -3.30
C GLN A 36 -14.75 9.39 -3.97
N ILE A 37 -14.23 10.44 -3.32
CA ILE A 37 -14.29 11.78 -3.91
C ILE A 37 -13.41 11.86 -5.15
N SER A 38 -12.23 11.22 -5.11
CA SER A 38 -11.35 11.24 -6.27
C SER A 38 -11.99 10.57 -7.48
N ASP A 39 -12.73 9.49 -7.24
CA ASP A 39 -13.42 8.80 -8.33
C ASP A 39 -14.72 9.50 -8.73
N ALA A 40 -15.32 10.28 -7.83
CA ALA A 40 -16.47 11.09 -8.22
C ALA A 40 -16.04 12.21 -9.17
N VAL A 41 -14.88 12.80 -8.93
CA VAL A 41 -14.33 13.78 -9.86
C VAL A 41 -13.97 13.10 -11.17
N LEU A 42 -13.47 11.87 -11.11
CA LEU A 42 -13.15 11.12 -12.33
C LEU A 42 -14.40 10.90 -13.18
N ASP A 43 -15.52 10.58 -12.54
CA ASP A 43 -16.75 10.35 -13.30
C ASP A 43 -17.26 11.63 -13.94
N ALA A 44 -17.15 12.76 -13.24
CA ALA A 44 -17.66 14.02 -13.76
C ALA A 44 -16.91 14.44 -15.03
N HIS A 45 -15.60 14.20 -15.07
CA HIS A 45 -14.85 14.51 -16.28
C HIS A 45 -15.09 13.49 -17.39
N LEU A 46 -15.43 12.26 -17.03
CA LEU A 46 -15.74 11.25 -18.05
C LEU A 46 -17.15 11.38 -18.57
N GLN A 47 -18.06 11.94 -17.78
CA GLN A 47 -19.43 12.17 -18.23
C GLN A 47 -19.52 13.23 -19.32
N GLN A 48 -18.46 14.01 -19.53
CA GLN A 48 -18.40 14.98 -20.62
C GLN A 48 -17.29 14.68 -21.61
N ASP A 49 -16.09 14.39 -21.13
CA ASP A 49 -14.94 14.09 -21.98
C ASP A 49 -14.45 12.68 -21.69
N PRO A 50 -14.79 11.70 -22.53
CA PRO A 50 -14.35 10.32 -22.27
C PRO A 50 -12.84 10.16 -22.31
N ASP A 51 -12.14 10.96 -23.11
CA ASP A 51 -10.67 10.91 -23.19
C ASP A 51 -10.01 11.80 -22.17
N ALA A 52 -10.59 11.92 -20.98
CA ALA A 52 -10.00 12.77 -19.94
C ALA A 52 -8.71 12.16 -19.40
N LYS A 53 -7.85 13.03 -18.89
CA LYS A 53 -6.59 12.63 -18.26
C LYS A 53 -6.65 13.09 -16.81
N VAL A 54 -7.16 12.22 -15.94
CA VAL A 54 -7.44 12.56 -14.55
C VAL A 54 -6.39 11.90 -13.66
N ALA A 55 -5.84 12.70 -12.75
CA ALA A 55 -4.92 12.22 -11.72
C ALA A 55 -5.24 12.95 -10.42
N CYS A 56 -6.49 12.83 -9.98
CA CYS A 56 -7.00 13.58 -8.85
C CYS A 56 -6.67 12.87 -7.54
N GLU A 57 -6.07 13.61 -6.60
CA GLU A 57 -5.78 13.11 -5.26
C GLU A 57 -6.57 13.95 -4.27
N THR A 58 -7.20 13.30 -3.30
CA THR A 58 -8.04 13.96 -2.32
C THR A 58 -7.44 13.82 -0.93
N VAL A 59 -7.52 14.91 -0.16
CA VAL A 59 -7.04 14.94 1.22
C VAL A 59 -8.23 15.35 2.10
N ALA A 60 -8.45 14.59 3.18
CA ALA A 60 -9.58 14.84 4.07
C ALA A 60 -9.08 15.02 5.50
N LYS A 61 -9.46 16.14 6.11
CA LYS A 61 -9.16 16.42 7.50
C LYS A 61 -10.35 17.19 8.07
N THR A 62 -10.21 17.63 9.33
CA THR A 62 -11.27 18.34 10.04
C THR A 62 -11.81 19.50 9.23
N GLY A 63 -13.00 19.32 8.64
CA GLY A 63 -13.67 20.37 7.91
C GLY A 63 -13.06 20.74 6.58
N MET A 64 -12.10 19.97 6.08
CA MET A 64 -11.40 20.31 4.84
C MET A 64 -11.38 19.12 3.90
N ILE A 65 -11.75 19.36 2.64
CA ILE A 65 -11.52 18.43 1.55
C ILE A 65 -10.63 19.14 0.53
N LEU A 66 -9.45 18.58 0.28
CA LEU A 66 -8.47 19.20 -0.59
C LEU A 66 -8.31 18.35 -1.85
N LEU A 67 -8.51 18.97 -3.01
CA LEU A 67 -8.24 18.34 -4.29
C LEU A 67 -6.87 18.78 -4.79
N ALA A 68 -6.06 17.81 -5.19
CA ALA A 68 -4.73 18.09 -5.71
C ALA A 68 -4.39 17.05 -6.76
N GLY A 69 -3.79 17.50 -7.85
CA GLY A 69 -3.44 16.60 -8.93
C GLY A 69 -3.37 17.36 -10.25
N GLU A 70 -3.48 16.60 -11.33
CA GLU A 70 -3.31 17.13 -12.68
C GLU A 70 -4.44 16.58 -13.55
N ILE A 71 -5.19 17.47 -14.17
CA ILE A 71 -6.34 17.10 -15.00
C ILE A 71 -6.32 17.92 -16.28
N THR A 72 -6.47 17.25 -17.41
CA THR A 72 -6.64 17.90 -18.72
C THR A 72 -7.82 17.24 -19.42
N SER A 73 -8.95 17.94 -19.46
CA SER A 73 -10.14 17.42 -20.12
C SER A 73 -10.98 18.58 -20.63
N ARG A 74 -11.47 18.45 -21.86
CA ARG A 74 -12.38 19.43 -22.43
C ARG A 74 -13.74 19.30 -21.76
N ALA A 75 -13.81 19.65 -20.47
CA ALA A 75 -15.03 19.45 -19.70
C ALA A 75 -15.03 20.40 -18.51
N ALA A 76 -16.18 21.01 -18.24
CA ALA A 76 -16.36 21.90 -17.12
C ALA A 76 -17.14 21.17 -16.03
N VAL A 77 -16.53 21.01 -14.86
CA VAL A 77 -17.16 20.37 -13.72
C VAL A 77 -17.10 21.32 -12.53
N ASP A 78 -18.14 21.28 -11.70
CA ASP A 78 -18.20 22.11 -10.50
C ASP A 78 -17.62 21.30 -9.35
N TYR A 79 -16.36 21.57 -9.01
CA TYR A 79 -15.69 20.81 -7.96
C TYR A 79 -16.37 21.03 -6.61
N GLN A 80 -16.81 22.26 -6.34
CA GLN A 80 -17.51 22.54 -5.10
C GLN A 80 -18.82 21.75 -5.00
N LYS A 81 -19.42 21.41 -6.13
CA LYS A 81 -20.67 20.65 -6.13
C LYS A 81 -20.43 19.15 -6.20
N VAL A 82 -19.46 18.72 -7.01
CA VAL A 82 -19.16 17.28 -7.11
C VAL A 82 -18.64 16.75 -5.78
N VAL A 83 -17.76 17.51 -5.13
CA VAL A 83 -17.19 17.06 -3.86
C VAL A 83 -18.27 16.99 -2.78
N ARG A 84 -19.10 18.04 -2.67
CA ARG A 84 -20.10 18.07 -1.61
C ARG A 84 -21.23 17.09 -1.88
N GLU A 85 -21.49 16.76 -3.14
CA GLU A 85 -22.51 15.77 -3.44
C GLU A 85 -22.07 14.37 -3.01
N ALA A 86 -20.77 14.09 -3.14
CA ALA A 86 -20.25 12.79 -2.69
C ALA A 86 -20.25 12.69 -1.17
N VAL A 87 -19.88 13.77 -0.49
CA VAL A 87 -19.93 13.78 0.97
C VAL A 87 -21.37 13.62 1.45
N LYS A 88 -22.32 14.23 0.73
CA LYS A 88 -23.72 14.05 1.07
C LYS A 88 -24.16 12.60 0.88
N HIS A 89 -23.67 11.95 -0.16
CA HIS A 89 -24.00 10.54 -0.40
C HIS A 89 -23.45 9.66 0.72
N ILE A 90 -22.24 9.95 1.20
CA ILE A 90 -21.65 9.15 2.27
C ILE A 90 -22.43 9.33 3.56
N GLY A 91 -22.98 10.50 3.79
CA GLY A 91 -23.88 10.74 4.90
C GLY A 91 -23.43 11.71 5.97
N TYR A 92 -22.42 12.53 5.70
CA TYR A 92 -21.97 13.55 6.65
C TYR A 92 -22.70 14.85 6.33
N ASP A 93 -23.78 15.13 7.07
CA ASP A 93 -24.64 16.27 6.78
C ASP A 93 -24.92 17.11 8.01
N ASP A 94 -24.12 17.00 9.06
CA ASP A 94 -24.34 17.79 10.26
C ASP A 94 -23.06 17.82 11.09
N SER A 95 -22.93 18.89 11.90
CA SER A 95 -21.79 19.02 12.77
C SER A 95 -21.80 17.99 13.90
N SER A 96 -22.96 17.45 14.24
CA SER A 96 -23.04 16.41 15.27
C SER A 96 -22.35 15.12 14.83
N LYS A 97 -22.18 14.93 13.52
CA LYS A 97 -21.50 13.75 12.98
C LYS A 97 -20.03 13.99 12.69
N GLY A 98 -19.52 15.20 12.99
CA GLY A 98 -18.12 15.52 12.78
C GLY A 98 -17.79 16.08 11.41
N PHE A 99 -18.73 16.08 10.47
CA PHE A 99 -18.48 16.58 9.14
C PHE A 99 -19.82 16.88 8.47
N ASP A 100 -19.86 17.96 7.69
CA ASP A 100 -21.08 18.38 7.02
C ASP A 100 -20.74 18.92 5.65
N TYR A 101 -21.37 18.36 4.61
CA TYR A 101 -21.06 18.78 3.24
C TYR A 101 -21.51 20.22 2.98
N LYS A 102 -22.51 20.70 3.71
CA LYS A 102 -23.04 22.03 3.43
C LYS A 102 -22.05 23.13 3.81
N THR A 103 -21.23 22.90 4.83
CA THR A 103 -20.40 23.96 5.39
C THR A 103 -18.91 23.61 5.44
N CYS A 104 -18.47 22.56 4.76
CA CYS A 104 -17.07 22.16 4.82
C CYS A 104 -16.23 22.97 3.84
N ASN A 105 -14.96 23.14 4.18
CA ASN A 105 -14.02 23.84 3.32
C ASN A 105 -13.54 22.92 2.21
N VAL A 106 -13.52 23.44 0.98
CA VAL A 106 -13.11 22.69 -0.20
C VAL A 106 -12.06 23.52 -0.92
N LEU A 107 -10.79 23.16 -0.76
CA LEU A 107 -9.70 23.78 -1.49
C LEU A 107 -9.37 22.97 -2.74
N VAL A 108 -8.99 23.66 -3.80
CA VAL A 108 -8.69 23.05 -5.08
C VAL A 108 -7.30 23.48 -5.52
N ALA A 109 -6.39 22.52 -5.65
CA ALA A 109 -5.03 22.75 -6.12
C ALA A 109 -4.77 21.96 -7.40
N LEU A 110 -5.78 21.85 -8.25
CA LEU A 110 -5.68 21.09 -9.48
C LEU A 110 -5.11 21.96 -10.60
N GLU A 111 -4.20 21.38 -11.38
CA GLU A 111 -3.61 22.08 -12.51
C GLU A 111 -3.79 21.26 -13.79
N GLN A 112 -2.94 21.49 -14.77
CA GLN A 112 -2.92 20.68 -15.98
C GLN A 112 -1.90 19.55 -15.83
N GLN A 113 -2.07 18.53 -16.67
CA GLN A 113 -1.11 17.43 -16.68
C GLN A 113 0.24 17.92 -17.20
N SER A 114 1.31 17.40 -16.62
CA SER A 114 2.67 17.76 -17.01
C SER A 114 2.85 17.55 -18.51
N PRO A 115 3.24 18.58 -19.26
CA PRO A 115 3.46 18.39 -20.71
C PRO A 115 4.55 17.38 -21.03
N ASP A 116 5.53 17.22 -20.13
CA ASP A 116 6.57 16.21 -20.36
C ASP A 116 5.99 14.80 -20.33
N ILE A 117 5.01 14.56 -19.45
CA ILE A 117 4.35 13.26 -19.41
C ILE A 117 3.44 13.09 -20.61
N ALA A 118 2.73 14.15 -20.99
CA ALA A 118 1.77 14.06 -22.10
C ALA A 118 2.45 13.77 -23.43
N GLN A 119 3.66 14.30 -23.64
CA GLN A 119 4.36 14.10 -24.90
C GLN A 119 5.02 12.74 -25.01
N GLY A 120 4.83 11.86 -24.03
CA GLY A 120 5.44 10.55 -24.07
C GLY A 120 4.51 9.44 -23.59
N VAL A 121 3.20 9.69 -23.63
CA VAL A 121 2.22 8.70 -23.19
C VAL A 121 1.12 8.55 -24.22
N HIS A 122 0.41 9.64 -24.51
CA HIS A 122 -0.81 9.56 -25.30
C HIS A 122 -0.90 10.54 -26.46
N LEU A 123 0.06 11.44 -26.62
CA LEU A 123 -0.04 12.46 -27.66
C LEU A 123 0.31 11.89 -29.03
N ASP A 124 -0.57 12.14 -30.01
CA ASP A 124 -0.34 11.87 -31.43
C ASP A 124 -0.39 10.37 -31.77
N ARG A 125 -0.49 9.50 -30.78
CA ARG A 125 -0.58 8.07 -31.03
C ARG A 125 -2.04 7.65 -31.12
N ASN A 126 -2.35 6.77 -32.08
CA ASN A 126 -3.68 6.18 -32.08
C ASN A 126 -3.81 5.22 -30.90
N GLU A 127 -5.07 4.96 -30.51
CA GLU A 127 -5.36 4.48 -29.17
C GLU A 127 -4.67 3.16 -28.85
N GLU A 128 -4.60 2.24 -29.81
CA GLU A 128 -4.07 0.91 -29.51
C GLU A 128 -2.59 0.90 -29.17
N ASP A 129 -1.89 2.03 -29.31
CA ASP A 129 -0.48 2.13 -28.96
C ASP A 129 -0.21 3.21 -27.91
N ILE A 130 -1.23 3.58 -27.13
CA ILE A 130 -1.01 4.51 -26.03
C ILE A 130 -0.09 3.87 -25.00
N GLY A 131 1.07 4.48 -24.79
CA GLY A 131 2.01 3.94 -23.82
C GLY A 131 1.48 4.01 -22.41
N ALA A 132 2.19 3.33 -21.51
CA ALA A 132 1.81 3.32 -20.11
C ALA A 132 1.97 4.71 -19.52
N GLY A 133 0.94 5.17 -18.81
CA GLY A 133 1.00 6.48 -18.15
C GLY A 133 2.08 6.59 -17.11
N ASP A 134 2.67 5.48 -16.70
CA ASP A 134 3.75 5.44 -15.72
C ASP A 134 4.31 4.03 -15.72
N GLN A 135 5.44 3.85 -15.04
CA GLN A 135 5.98 2.52 -14.83
C GLN A 135 5.24 1.86 -13.67
N GLY A 136 5.67 0.65 -13.31
CA GLY A 136 5.16 -0.01 -12.13
C GLY A 136 4.82 -1.48 -12.40
N LEU A 137 4.41 -2.14 -11.32
CA LEU A 137 4.05 -3.55 -11.32
C LEU A 137 2.67 -3.72 -10.73
N MET A 138 1.90 -4.66 -11.28
CA MET A 138 0.54 -4.93 -10.84
C MET A 138 0.33 -6.43 -10.72
N PHE A 139 -0.63 -6.82 -9.87
CA PHE A 139 -0.88 -8.23 -9.60
C PHE A 139 -2.36 -8.56 -9.79
N GLY A 140 -2.61 -9.82 -10.08
CA GLY A 140 -3.97 -10.33 -10.15
C GLY A 140 -4.06 -11.66 -9.44
N TYR A 141 -5.12 -11.83 -8.64
CA TYR A 141 -5.24 -12.99 -7.77
C TYR A 141 -6.66 -13.55 -7.86
N ALA A 142 -6.77 -14.87 -7.71
CA ALA A 142 -8.04 -15.55 -7.73
C ALA A 142 -7.92 -16.86 -6.96
N THR A 143 -8.96 -17.19 -6.20
CA THR A 143 -8.97 -18.39 -5.37
C THR A 143 -10.36 -19.01 -5.39
N ASP A 144 -10.40 -20.33 -5.44
CA ASP A 144 -11.67 -21.06 -5.57
C ASP A 144 -12.45 -21.16 -4.27
N GLU A 145 -11.96 -20.57 -3.18
CA GLU A 145 -12.59 -20.75 -1.87
C GLU A 145 -13.94 -20.06 -1.75
N THR A 146 -14.30 -19.17 -2.69
CA THR A 146 -15.60 -18.54 -2.71
C THR A 146 -16.15 -18.56 -4.13
N GLU A 147 -17.47 -18.31 -4.24
CA GLU A 147 -18.11 -18.27 -5.53
C GLU A 147 -17.56 -17.13 -6.39
N GLU A 148 -17.28 -15.99 -5.75
CA GLU A 148 -16.77 -14.81 -6.44
C GLU A 148 -15.25 -14.86 -6.65
N CYS A 149 -14.61 -15.99 -6.37
CA CYS A 149 -13.17 -16.17 -6.61
C CYS A 149 -12.34 -15.15 -5.82
N MET A 150 -12.71 -14.94 -4.56
CA MET A 150 -12.00 -14.02 -3.69
C MET A 150 -11.77 -14.66 -2.32
N PRO A 151 -10.73 -14.25 -1.60
CA PRO A 151 -10.50 -14.82 -0.26
C PRO A 151 -11.66 -14.51 0.67
N LEU A 152 -12.00 -15.49 1.51
CA LEU A 152 -13.14 -15.33 2.40
C LEU A 152 -12.92 -14.22 3.41
N THR A 153 -11.67 -13.97 3.81
CA THR A 153 -11.40 -12.95 4.80
C THR A 153 -11.80 -11.56 4.30
N ILE A 154 -11.46 -11.25 3.04
CA ILE A 154 -11.76 -9.92 2.52
C ILE A 154 -13.22 -9.83 2.07
N VAL A 155 -13.83 -10.95 1.67
CA VAL A 155 -15.23 -10.94 1.28
C VAL A 155 -16.11 -10.62 2.48
N LEU A 156 -15.86 -11.28 3.61
CA LEU A 156 -16.67 -11.05 4.80
C LEU A 156 -16.47 -9.65 5.35
N ALA A 157 -15.23 -9.17 5.36
CA ALA A 157 -14.96 -7.82 5.87
C ALA A 157 -15.66 -6.77 5.02
N HIS A 158 -15.68 -6.96 3.70
CA HIS A 158 -16.39 -6.02 2.83
C HIS A 158 -17.89 -6.06 3.08
N LYS A 159 -18.48 -7.26 3.11
CA LYS A 159 -19.93 -7.40 3.26
C LYS A 159 -20.41 -6.98 4.65
N LEU A 160 -19.53 -6.99 5.65
CA LEU A 160 -19.91 -6.46 6.96
C LEU A 160 -20.15 -4.95 6.90
N ASN A 161 -19.22 -4.22 6.28
CA ASN A 161 -19.39 -2.77 6.13
C ASN A 161 -20.57 -2.46 5.22
N ALA A 162 -20.78 -3.27 4.18
CA ALA A 162 -21.91 -3.04 3.29
C ALA A 162 -23.24 -3.23 4.01
N LYS A 163 -23.30 -4.21 4.92
CA LYS A 163 -24.51 -4.41 5.70
C LYS A 163 -24.73 -3.27 6.67
N LEU A 164 -23.66 -2.77 7.29
CA LEU A 164 -23.77 -1.63 8.19
C LEU A 164 -24.31 -0.41 7.45
N ALA A 165 -23.85 -0.18 6.22
CA ALA A 165 -24.35 0.95 5.44
C ALA A 165 -25.79 0.72 5.00
N GLU A 166 -26.14 -0.53 4.68
CA GLU A 166 -27.51 -0.83 4.27
C GLU A 166 -28.50 -0.58 5.40
N LEU A 167 -28.17 -1.05 6.61
CA LEU A 167 -29.07 -0.86 7.73
C LEU A 167 -29.09 0.59 8.20
N ARG A 168 -28.00 1.33 7.99
CA ARG A 168 -27.98 2.73 8.38
C ARG A 168 -28.86 3.57 7.47
N ARG A 169 -28.86 3.28 6.16
CA ARG A 169 -29.56 4.14 5.21
C ARG A 169 -31.06 3.90 5.23
N ASN A 170 -31.50 2.63 5.24
CA ASN A 170 -32.93 2.36 5.20
C ASN A 170 -33.63 2.73 6.50
N GLY A 171 -32.89 2.81 7.62
CA GLY A 171 -33.45 3.22 8.89
C GLY A 171 -33.58 2.10 9.92
N THR A 172 -33.07 0.90 9.63
CA THR A 172 -33.14 -0.18 10.59
C THR A 172 -32.37 0.17 11.86
N LEU A 173 -31.14 0.66 11.70
CA LEU A 173 -30.31 1.13 12.81
C LEU A 173 -30.01 2.60 12.56
N PRO A 174 -30.93 3.51 12.89
CA PRO A 174 -30.73 4.93 12.61
C PRO A 174 -29.66 5.59 13.47
N TRP A 175 -29.00 4.84 14.34
CA TRP A 175 -27.93 5.37 15.17
C TRP A 175 -26.55 5.17 14.56
N LEU A 176 -26.45 4.49 13.42
CA LEU A 176 -25.17 4.28 12.77
C LEU A 176 -24.71 5.55 12.07
N ARG A 177 -23.39 5.73 12.05
CA ARG A 177 -22.74 6.82 11.35
C ARG A 177 -21.76 6.26 10.33
N PRO A 178 -21.40 7.02 9.29
CA PRO A 178 -20.73 6.42 8.12
C PRO A 178 -19.39 5.77 8.40
N ASP A 179 -18.63 6.22 9.40
CA ASP A 179 -17.29 5.70 9.61
C ASP A 179 -17.36 4.34 10.28
N SER A 180 -16.73 3.34 9.66
CA SER A 180 -16.74 1.97 10.18
C SER A 180 -15.46 1.26 9.74
N LYS A 181 -15.12 0.20 10.46
CA LYS A 181 -13.93 -0.58 10.17
C LYS A 181 -14.12 -1.99 10.72
N THR A 182 -13.81 -3.00 9.90
CA THR A 182 -13.99 -4.39 10.27
C THR A 182 -12.71 -5.18 10.01
N GLN A 183 -12.51 -6.22 10.81
CA GLN A 183 -11.45 -7.20 10.61
C GLN A 183 -12.07 -8.59 10.71
N VAL A 184 -11.55 -9.52 9.91
CA VAL A 184 -12.05 -10.89 9.86
C VAL A 184 -10.85 -11.84 9.88
N THR A 185 -10.70 -12.58 10.96
CA THR A 185 -9.67 -13.61 11.07
C THR A 185 -10.30 -14.97 10.84
N VAL A 186 -9.75 -15.75 9.92
CA VAL A 186 -10.31 -17.04 9.52
C VAL A 186 -9.23 -18.10 9.62
N GLN A 187 -9.57 -19.23 10.23
CA GLN A 187 -8.67 -20.37 10.26
C GLN A 187 -8.75 -21.13 8.95
N TYR A 188 -7.60 -21.45 8.38
CA TYR A 188 -7.50 -22.09 7.08
C TYR A 188 -6.82 -23.44 7.20
N MET A 189 -6.80 -24.17 6.07
CA MET A 189 -6.13 -25.45 5.97
C MET A 189 -5.50 -25.55 4.59
N GLN A 190 -4.20 -25.84 4.55
CA GLN A 190 -3.51 -26.00 3.28
C GLN A 190 -3.99 -27.28 2.60
N ASP A 191 -4.46 -27.16 1.35
CA ASP A 191 -5.08 -28.25 0.63
C ASP A 191 -4.48 -28.34 -0.77
N ARG A 192 -3.38 -29.11 -0.89
CA ARG A 192 -2.78 -29.43 -2.18
C ARG A 192 -2.44 -28.18 -2.98
N GLY A 193 -2.02 -27.13 -2.29
CA GLY A 193 -1.69 -25.88 -2.94
C GLY A 193 -2.70 -24.78 -2.65
N ALA A 194 -3.98 -25.14 -2.60
CA ALA A 194 -5.04 -24.19 -2.34
C ALA A 194 -5.23 -24.05 -0.83
N VAL A 195 -6.25 -23.29 -0.43
CA VAL A 195 -6.57 -23.08 0.98
C VAL A 195 -8.06 -23.34 1.19
N LEU A 196 -8.40 -23.93 2.33
CA LEU A 196 -9.78 -24.24 2.68
C LEU A 196 -10.18 -23.46 3.92
N PRO A 197 -11.12 -22.52 3.82
CA PRO A 197 -11.59 -21.80 5.03
C PRO A 197 -12.38 -22.74 5.93
N ILE A 198 -11.92 -22.86 7.17
CA ILE A 198 -12.53 -23.78 8.13
C ILE A 198 -13.55 -23.03 9.00
N ARG A 199 -13.07 -22.07 9.78
CA ARG A 199 -13.92 -21.36 10.71
C ARG A 199 -13.41 -19.93 10.87
N VAL A 200 -14.35 -19.02 11.19
CA VAL A 200 -14.00 -17.65 11.52
C VAL A 200 -13.50 -17.62 12.95
N HIS A 201 -12.24 -17.21 13.12
CA HIS A 201 -11.65 -17.17 14.46
C HIS A 201 -12.10 -15.95 15.24
N THR A 202 -11.89 -14.76 14.67
CA THR A 202 -12.21 -13.51 15.35
C THR A 202 -12.66 -12.49 14.31
N ILE A 203 -13.68 -11.71 14.65
CA ILE A 203 -14.10 -10.58 13.83
C ILE A 203 -14.23 -9.36 14.72
N VAL A 204 -13.79 -8.21 14.21
CA VAL A 204 -13.79 -6.95 14.94
C VAL A 204 -14.63 -5.96 14.16
N ILE A 205 -15.45 -5.19 14.86
CA ILE A 205 -16.32 -4.19 14.23
C ILE A 205 -16.31 -2.93 15.09
N SER A 206 -15.72 -1.86 14.56
CA SER A 206 -15.81 -0.53 15.15
C SER A 206 -16.59 0.34 14.19
N VAL A 207 -17.72 0.88 14.63
CA VAL A 207 -18.58 1.69 13.79
C VAL A 207 -19.01 2.94 14.57
N GLN A 208 -19.00 4.08 13.89
CA GLN A 208 -19.38 5.34 14.51
C GLN A 208 -20.87 5.35 14.82
N HIS A 209 -21.22 6.03 15.91
CA HIS A 209 -22.59 6.02 16.42
C HIS A 209 -22.89 7.37 17.05
N ASP A 210 -24.17 7.62 17.30
CA ASP A 210 -24.56 8.83 18.01
C ASP A 210 -24.28 8.63 19.50
N GLU A 211 -24.72 9.59 20.32
CA GLU A 211 -24.41 9.57 21.75
C GLU A 211 -25.50 8.94 22.60
N GLU A 212 -26.76 9.02 22.18
CA GLU A 212 -27.89 8.59 23.00
C GLU A 212 -28.31 7.14 22.75
N VAL A 213 -27.38 6.27 22.36
CA VAL A 213 -27.66 4.85 22.17
C VAL A 213 -26.61 4.06 22.95
N CYS A 214 -27.08 3.19 23.84
CA CYS A 214 -26.19 2.52 24.77
C CYS A 214 -25.37 1.44 24.07
N LEU A 215 -24.27 1.05 24.73
CA LEU A 215 -23.35 0.08 24.17
C LEU A 215 -23.93 -1.33 24.15
N ASP A 216 -24.89 -1.63 25.02
CA ASP A 216 -25.53 -2.95 25.00
C ASP A 216 -26.35 -3.14 23.74
N GLU A 217 -27.16 -2.14 23.39
CA GLU A 217 -28.01 -2.26 22.20
C GLU A 217 -27.20 -2.34 20.92
N MET A 218 -26.03 -1.71 20.88
CA MET A 218 -25.20 -1.74 19.67
C MET A 218 -24.55 -3.10 19.49
N ARG A 219 -23.93 -3.63 20.54
CA ARG A 219 -23.30 -4.94 20.44
C ARG A 219 -24.33 -6.04 20.24
N ASP A 220 -25.56 -5.84 20.74
CA ASP A 220 -26.63 -6.80 20.48
C ASP A 220 -27.04 -6.78 19.01
N ALA A 221 -27.17 -5.58 18.44
CA ALA A 221 -27.52 -5.46 17.03
C ALA A 221 -26.36 -5.84 16.12
N LEU A 222 -25.13 -5.58 16.55
CA LEU A 222 -23.97 -5.95 15.74
C LEU A 222 -23.84 -7.45 15.58
N LYS A 223 -24.29 -8.21 16.58
CA LYS A 223 -24.14 -9.67 16.53
C LYS A 223 -25.27 -10.31 15.74
N GLU A 224 -26.51 -9.89 15.99
CA GLU A 224 -27.67 -10.57 15.44
C GLU A 224 -28.13 -10.02 14.09
N LYS A 225 -27.88 -8.74 13.81
CA LYS A 225 -28.49 -8.10 12.66
C LYS A 225 -27.52 -7.83 11.50
N VAL A 226 -26.21 -8.01 11.70
CA VAL A 226 -25.27 -7.77 10.61
C VAL A 226 -24.29 -8.93 10.51
N ILE A 227 -23.73 -9.36 11.65
CA ILE A 227 -22.76 -10.46 11.63
C ILE A 227 -23.44 -11.75 11.20
N LYS A 228 -24.48 -12.16 11.93
CA LYS A 228 -25.18 -13.40 11.60
C LYS A 228 -25.96 -13.30 10.29
N ALA A 229 -26.14 -12.11 9.74
CA ALA A 229 -26.81 -11.91 8.47
C ALA A 229 -25.85 -11.82 7.30
N VAL A 230 -24.56 -12.09 7.53
CA VAL A 230 -23.54 -11.96 6.49
C VAL A 230 -22.67 -13.21 6.47
N VAL A 231 -22.25 -13.67 7.64
CA VAL A 231 -21.35 -14.81 7.75
C VAL A 231 -22.17 -16.09 7.79
N PRO A 232 -21.88 -17.08 6.94
CA PRO A 232 -22.58 -18.37 7.03
C PRO A 232 -22.41 -18.99 8.40
N ALA A 233 -23.48 -19.65 8.87
CA ALA A 233 -23.51 -20.11 10.25
C ALA A 233 -22.48 -21.19 10.53
N LYS A 234 -22.08 -21.95 9.51
CA LYS A 234 -21.10 -23.02 9.74
C LYS A 234 -19.74 -22.47 10.14
N TYR A 235 -19.39 -21.27 9.67
CA TYR A 235 -18.10 -20.69 10.01
C TYR A 235 -18.07 -20.17 11.44
N LEU A 236 -19.23 -19.76 11.97
CA LEU A 236 -19.32 -19.30 13.35
C LEU A 236 -19.63 -20.48 14.27
N ASP A 237 -18.90 -20.58 15.37
CA ASP A 237 -19.23 -21.53 16.42
C ASP A 237 -19.44 -20.78 17.73
N GLU A 238 -19.04 -21.37 18.85
CA GLU A 238 -19.11 -20.70 20.14
C GLU A 238 -17.73 -20.41 20.72
N ASP A 239 -16.68 -20.49 19.90
CA ASP A 239 -15.34 -20.07 20.29
C ASP A 239 -14.86 -18.87 19.49
N THR A 240 -15.67 -18.33 18.58
CA THR A 240 -15.29 -17.17 17.81
C THR A 240 -15.32 -15.93 18.71
N ILE A 241 -14.23 -15.16 18.68
CA ILE A 241 -14.08 -14.00 19.53
C ILE A 241 -14.74 -12.80 18.85
N TYR A 242 -15.61 -12.11 19.58
CA TYR A 242 -16.34 -10.96 19.08
C TYR A 242 -15.85 -9.71 19.80
N HIS A 243 -15.11 -8.87 19.09
CA HIS A 243 -14.68 -7.56 19.60
C HIS A 243 -15.57 -6.51 18.93
N LEU A 244 -16.73 -6.27 19.54
CA LEU A 244 -17.70 -5.31 19.02
C LEU A 244 -17.56 -4.00 19.80
N GLN A 245 -17.21 -2.93 19.09
CA GLN A 245 -16.84 -1.65 19.70
C GLN A 245 -15.75 -1.85 20.75
N PRO A 246 -14.56 -2.34 20.34
CA PRO A 246 -13.54 -2.73 21.32
C PRO A 246 -12.83 -1.54 21.97
N SER A 247 -12.56 -0.49 21.19
CA SER A 247 -11.82 0.65 21.73
C SER A 247 -12.60 1.43 22.77
N GLY A 248 -13.93 1.26 22.81
CA GLY A 248 -14.75 1.96 23.77
C GLY A 248 -15.92 2.69 23.14
N ARG A 249 -15.83 4.02 23.07
CA ARG A 249 -16.85 4.85 22.45
C ARG A 249 -16.33 5.38 21.12
N PHE A 250 -17.24 5.50 20.15
CA PHE A 250 -16.88 5.89 18.79
C PHE A 250 -17.82 6.99 18.31
N VAL A 251 -17.83 8.11 19.03
CA VAL A 251 -18.68 9.24 18.64
C VAL A 251 -17.96 10.14 17.64
N ILE A 252 -16.65 10.25 17.74
CA ILE A 252 -15.86 11.11 16.85
C ILE A 252 -15.28 10.23 15.75
N GLY A 253 -15.76 10.42 14.53
CA GLY A 253 -15.26 9.70 13.38
C GLY A 253 -15.11 10.60 12.18
N GLY A 254 -14.93 9.99 11.00
CA GLY A 254 -14.77 10.75 9.77
C GLY A 254 -13.44 11.46 9.71
N PRO A 255 -13.36 12.51 8.89
CA PRO A 255 -12.08 13.22 8.71
C PRO A 255 -11.57 13.90 9.97
N GLN A 256 -12.38 14.00 11.02
CA GLN A 256 -11.96 14.70 12.22
C GLN A 256 -10.95 13.88 13.03
N GLY A 257 -10.98 12.57 12.90
CA GLY A 257 -10.12 11.72 13.71
C GLY A 257 -8.94 11.10 12.98
N ASP A 258 -8.81 11.35 11.69
CA ASP A 258 -7.72 10.77 10.91
C ASP A 258 -7.60 11.52 9.60
N ALA A 259 -6.38 11.96 9.29
CA ALA A 259 -6.10 12.63 8.02
C ALA A 259 -6.21 11.61 6.90
N GLY A 260 -7.26 11.72 6.09
CA GLY A 260 -7.47 10.80 5.00
C GLY A 260 -6.75 11.21 3.72
N LEU A 261 -6.31 10.23 2.96
CA LEU A 261 -5.61 10.45 1.71
C LEU A 261 -6.08 9.44 0.68
N THR A 262 -6.00 9.82 -0.59
CA THR A 262 -6.34 8.90 -1.67
C THR A 262 -5.25 7.84 -1.82
N GLY A 263 -5.66 6.58 -1.90
CA GLY A 263 -4.71 5.50 -2.12
C GLY A 263 -4.01 5.01 -0.88
N ARG A 264 -4.61 5.17 0.30
CA ARG A 264 -4.05 4.64 1.53
C ARG A 264 -4.71 3.33 1.95
N LYS A 265 -5.66 2.82 1.15
CA LYS A 265 -6.33 1.55 1.41
C LYS A 265 -6.28 0.67 0.16
N ILE A 266 -5.08 0.51 -0.40
CA ILE A 266 -4.94 -0.26 -1.63
C ILE A 266 -5.10 -1.75 -1.36
N ILE A 267 -4.71 -2.22 -0.18
CA ILE A 267 -4.85 -3.63 0.14
C ILE A 267 -6.31 -3.98 0.41
N VAL A 268 -7.04 -3.07 1.05
CA VAL A 268 -8.48 -3.22 1.20
C VAL A 268 -9.15 -3.24 -0.18
N ASP A 269 -8.63 -2.47 -1.12
CA ASP A 269 -9.22 -2.37 -2.45
C ASP A 269 -9.01 -3.63 -3.29
N THR A 270 -8.07 -4.50 -2.90
CA THR A 270 -7.67 -5.61 -3.75
C THR A 270 -7.99 -6.91 -3.06
N TYR A 271 -7.03 -7.55 -2.39
CA TYR A 271 -7.19 -8.92 -1.90
C TYR A 271 -6.98 -9.07 -0.40
N GLY A 272 -7.00 -7.97 0.34
CA GLY A 272 -6.93 -8.02 1.80
C GLY A 272 -5.71 -8.73 2.35
N GLY A 273 -4.57 -8.64 1.67
CA GLY A 273 -3.35 -9.28 2.11
C GLY A 273 -2.97 -10.52 1.32
N TRP A 274 -3.92 -11.14 0.64
CA TRP A 274 -3.63 -12.31 -0.18
C TRP A 274 -2.99 -11.88 -1.49
N GLY A 275 -2.28 -12.82 -2.11
CA GLY A 275 -1.59 -12.55 -3.35
C GLY A 275 -0.42 -11.59 -3.18
N ALA A 276 -0.46 -10.47 -3.90
CA ALA A 276 0.58 -9.47 -3.81
C ALA A 276 0.04 -8.15 -4.36
N HIS A 277 0.79 -7.08 -4.10
CA HIS A 277 0.43 -5.76 -4.59
C HIS A 277 1.68 -5.08 -5.14
N GLY A 278 1.51 -4.32 -6.21
CA GLY A 278 2.60 -3.60 -6.81
C GLY A 278 2.82 -2.19 -6.28
N GLY A 279 1.83 -1.63 -5.59
CA GLY A 279 1.93 -0.31 -5.00
C GLY A 279 0.99 0.73 -5.58
N GLY A 280 0.51 0.50 -6.80
CA GLY A 280 -0.31 1.50 -7.45
C GLY A 280 -1.71 1.58 -6.87
N ALA A 281 -2.18 2.81 -6.66
CA ALA A 281 -3.53 3.06 -6.23
C ALA A 281 -4.46 3.15 -7.44
N PHE A 282 -5.77 3.12 -7.17
CA PHE A 282 -6.78 3.07 -8.21
C PHE A 282 -7.54 4.37 -8.38
N SER A 283 -8.07 4.93 -7.29
CA SER A 283 -9.00 6.05 -7.40
C SER A 283 -8.32 7.30 -7.95
N GLY A 284 -9.09 8.08 -8.71
CA GLY A 284 -8.62 9.34 -9.25
C GLY A 284 -7.81 9.24 -10.52
N LYS A 285 -7.63 8.05 -11.07
CA LYS A 285 -6.80 7.84 -12.25
C LYS A 285 -7.62 7.26 -13.39
N ASP A 286 -7.42 7.78 -14.59
CA ASP A 286 -8.10 7.24 -15.76
C ASP A 286 -7.35 6.01 -16.27
N TYR A 287 -7.81 5.48 -17.40
CA TYR A 287 -7.30 4.19 -17.87
C TYR A 287 -5.83 4.25 -18.28
N THR A 288 -5.36 5.43 -18.70
CA THR A 288 -3.98 5.55 -19.16
C THR A 288 -2.98 5.23 -18.06
N LYS A 289 -3.37 5.37 -16.80
CA LYS A 289 -2.50 4.99 -15.68
C LYS A 289 -2.66 3.49 -15.45
N VAL A 290 -1.65 2.71 -15.85
CA VAL A 290 -1.72 1.26 -15.75
C VAL A 290 -1.73 0.76 -14.32
N ASP A 291 -1.57 1.65 -13.34
CA ASP A 291 -1.73 1.24 -11.95
C ASP A 291 -3.13 0.69 -11.69
N ARG A 292 -4.11 1.10 -12.49
CA ARG A 292 -5.50 0.68 -12.33
C ARG A 292 -5.96 -0.25 -13.44
N SER A 293 -5.77 0.14 -14.71
CA SER A 293 -6.31 -0.65 -15.82
C SER A 293 -5.60 -1.99 -15.95
N ALA A 294 -4.28 -2.01 -15.71
CA ALA A 294 -3.55 -3.27 -15.81
C ALA A 294 -3.83 -4.19 -14.63
N ALA A 295 -4.13 -3.61 -13.46
CA ALA A 295 -4.53 -4.43 -12.32
C ALA A 295 -5.92 -5.00 -12.51
N TYR A 296 -6.82 -4.22 -13.14
CA TYR A 296 -8.14 -4.74 -13.47
C TYR A 296 -8.04 -5.88 -14.47
N ALA A 297 -7.12 -5.77 -15.44
CA ALA A 297 -6.94 -6.83 -16.41
C ALA A 297 -6.27 -8.05 -15.80
N ALA A 298 -5.39 -7.85 -14.81
CA ALA A 298 -4.75 -8.98 -14.15
C ALA A 298 -5.76 -9.79 -13.35
N ARG A 299 -6.68 -9.11 -12.65
CA ARG A 299 -7.78 -9.80 -11.98
C ARG A 299 -8.67 -10.50 -12.99
N TRP A 300 -8.93 -9.85 -14.12
CA TRP A 300 -9.73 -10.47 -15.19
C TRP A 300 -9.04 -11.73 -15.71
N VAL A 301 -7.70 -11.73 -15.75
CA VAL A 301 -6.96 -12.89 -16.20
C VAL A 301 -7.03 -14.01 -15.15
N ALA A 302 -6.75 -13.66 -13.90
CA ALA A 302 -6.67 -14.68 -12.85
C ALA A 302 -8.02 -15.34 -12.61
N LYS A 303 -9.11 -14.56 -12.64
CA LYS A 303 -10.42 -15.12 -12.38
C LYS A 303 -10.86 -16.04 -13.50
N SER A 304 -10.64 -15.65 -14.75
CA SER A 304 -11.00 -16.50 -15.88
C SER A 304 -10.19 -17.79 -15.90
N LEU A 305 -8.98 -17.77 -15.33
CA LEU A 305 -8.20 -18.99 -15.20
C LEU A 305 -8.84 -19.96 -14.21
N VAL A 306 -9.22 -19.45 -13.04
CA VAL A 306 -9.82 -20.31 -12.02
C VAL A 306 -11.21 -20.74 -12.43
N LYS A 307 -12.03 -19.79 -12.89
CA LYS A 307 -13.37 -20.12 -13.36
C LYS A 307 -13.36 -21.01 -14.58
N GLY A 308 -12.24 -21.09 -15.30
CA GLY A 308 -12.10 -21.96 -16.43
C GLY A 308 -11.64 -23.37 -16.10
N GLY A 309 -11.40 -23.66 -14.83
CA GLY A 309 -10.98 -24.98 -14.42
C GLY A 309 -9.51 -25.27 -14.58
N LEU A 310 -8.71 -24.28 -14.98
CA LEU A 310 -7.28 -24.50 -15.21
C LEU A 310 -6.47 -24.52 -13.92
N CYS A 311 -6.99 -23.96 -12.84
CA CYS A 311 -6.29 -23.93 -11.56
C CYS A 311 -7.27 -23.50 -10.48
N ARG A 312 -6.89 -23.78 -9.23
CA ARG A 312 -7.67 -23.37 -8.07
C ARG A 312 -7.20 -22.07 -7.45
N ARG A 313 -5.89 -21.81 -7.50
CA ARG A 313 -5.31 -20.59 -6.94
C ARG A 313 -4.19 -20.13 -7.86
N VAL A 314 -4.21 -18.86 -8.23
CA VAL A 314 -3.29 -18.34 -9.23
C VAL A 314 -2.92 -16.90 -8.89
N LEU A 315 -1.70 -16.52 -9.23
CA LEU A 315 -1.22 -15.15 -9.08
C LEU A 315 -0.51 -14.75 -10.37
N VAL A 316 -0.88 -13.59 -10.91
CA VAL A 316 -0.34 -13.11 -12.17
C VAL A 316 0.23 -11.71 -11.97
N GLN A 317 1.46 -11.49 -12.41
CA GLN A 317 2.12 -10.20 -12.31
C GLN A 317 2.32 -9.60 -13.70
N VAL A 318 2.29 -8.28 -13.77
CA VAL A 318 2.61 -7.53 -14.98
C VAL A 318 3.51 -6.36 -14.63
N SER A 319 4.25 -5.90 -15.63
CA SER A 319 5.20 -4.80 -15.46
C SER A 319 5.18 -3.92 -16.70
N TYR A 320 5.34 -2.62 -16.50
CA TYR A 320 5.30 -1.66 -17.58
C TYR A 320 6.42 -0.63 -17.42
N ALA A 321 6.64 0.13 -18.49
CA ALA A 321 7.54 1.26 -18.48
C ALA A 321 6.82 2.47 -19.07
N ILE A 322 7.19 3.65 -18.58
CA ILE A 322 6.55 4.89 -19.00
C ILE A 322 6.80 5.12 -20.50
N GLY A 323 5.73 5.03 -21.29
CA GLY A 323 5.81 5.27 -22.72
C GLY A 323 5.86 4.04 -23.59
N VAL A 324 5.95 2.84 -23.00
CA VAL A 324 6.01 1.59 -23.75
C VAL A 324 4.64 0.93 -23.70
N SER A 325 4.15 0.52 -24.86
CA SER A 325 2.79 -0.02 -24.95
C SER A 325 2.73 -1.43 -24.38
N HIS A 326 3.58 -2.33 -24.88
CA HIS A 326 3.55 -3.70 -24.42
C HIS A 326 4.09 -3.80 -22.98
N PRO A 327 3.55 -4.72 -22.18
CA PRO A 327 4.09 -4.93 -20.83
C PRO A 327 5.51 -5.44 -20.88
N LEU A 328 6.28 -5.10 -19.84
CA LEU A 328 7.67 -5.53 -19.78
C LEU A 328 7.81 -7.00 -19.40
N SER A 329 6.92 -7.51 -18.55
CA SER A 329 6.98 -8.90 -18.13
C SER A 329 5.61 -9.36 -17.69
N ILE A 330 5.38 -10.66 -17.80
CA ILE A 330 4.18 -11.30 -17.26
C ILE A 330 4.62 -12.57 -16.55
N SER A 331 4.10 -12.80 -15.35
CA SER A 331 4.44 -13.96 -14.54
C SER A 331 3.17 -14.67 -14.11
N ILE A 332 3.28 -15.99 -13.94
CA ILE A 332 2.16 -16.84 -13.53
C ILE A 332 2.64 -17.77 -12.44
N PHE A 333 1.92 -17.78 -11.31
CA PHE A 333 2.19 -18.68 -10.20
C PHE A 333 0.87 -19.31 -9.78
N HIS A 334 0.80 -20.64 -9.82
CA HIS A 334 -0.43 -21.36 -9.51
C HIS A 334 -0.37 -22.14 -8.20
N TYR A 335 0.66 -21.91 -7.39
CA TYR A 335 0.81 -22.52 -6.06
C TYR A 335 0.76 -24.05 -6.08
N GLY A 336 0.88 -24.66 -7.25
CA GLY A 336 0.78 -26.11 -7.35
C GLY A 336 -0.63 -26.64 -7.39
N THR A 337 -1.61 -25.82 -7.78
CA THR A 337 -3.02 -26.23 -7.84
C THR A 337 -3.47 -26.49 -9.27
N SER A 338 -2.62 -27.11 -10.09
CA SER A 338 -2.96 -27.31 -11.49
C SER A 338 -2.18 -28.48 -12.03
N GLN A 339 -2.78 -29.14 -13.04
CA GLN A 339 -2.05 -30.18 -13.77
C GLN A 339 -0.98 -29.56 -14.66
N LYS A 340 -1.31 -28.44 -15.32
CA LYS A 340 -0.39 -27.78 -16.23
C LYS A 340 0.71 -27.05 -15.45
N SER A 341 1.76 -26.68 -16.16
CA SER A 341 2.88 -25.95 -15.58
C SER A 341 2.61 -24.45 -15.61
N GLU A 342 3.41 -23.70 -14.86
CA GLU A 342 3.29 -22.25 -14.84
C GLU A 342 3.71 -21.64 -16.16
N ARG A 343 4.69 -22.23 -16.84
CA ARG A 343 5.08 -21.74 -18.16
C ARG A 343 3.98 -21.97 -19.19
N GLU A 344 3.26 -23.09 -19.08
CA GLU A 344 2.16 -23.35 -20.01
C GLU A 344 1.00 -22.40 -19.77
N LEU A 345 0.68 -22.12 -18.49
CA LEU A 345 -0.34 -21.13 -18.19
C LEU A 345 0.05 -19.74 -18.69
N LEU A 346 1.36 -19.46 -18.74
CA LEU A 346 1.81 -18.20 -19.32
C LEU A 346 1.62 -18.19 -20.83
N GLU A 347 1.76 -19.35 -21.48
CA GLU A 347 1.49 -19.43 -22.91
C GLU A 347 -0.01 -19.27 -23.20
N ILE A 348 -0.85 -19.79 -22.32
CA ILE A 348 -2.29 -19.73 -22.54
C ILE A 348 -2.81 -18.30 -22.40
N VAL A 349 -2.25 -17.55 -21.45
CA VAL A 349 -2.73 -16.19 -21.24
C VAL A 349 -2.20 -15.25 -22.32
N LYS A 350 -0.98 -15.47 -22.81
CA LYS A 350 -0.43 -14.59 -23.84
C LYS A 350 -1.11 -14.80 -25.18
N LYS A 351 -1.63 -16.01 -25.44
CA LYS A 351 -2.36 -16.28 -26.67
C LYS A 351 -3.82 -15.87 -26.58
N ASN A 352 -4.32 -15.51 -25.39
CA ASN A 352 -5.71 -15.16 -25.19
C ASN A 352 -5.95 -13.70 -24.84
N PHE A 353 -5.01 -13.04 -24.18
CA PHE A 353 -5.19 -11.69 -23.67
C PHE A 353 -4.21 -10.73 -24.32
N ASP A 354 -4.61 -9.46 -24.37
CA ASP A 354 -3.79 -8.37 -24.88
C ASP A 354 -3.71 -7.31 -23.79
N LEU A 355 -2.55 -7.20 -23.14
CA LEU A 355 -2.39 -6.37 -21.96
C LEU A 355 -1.76 -5.02 -22.27
N ARG A 356 -1.97 -4.49 -23.48
CA ARG A 356 -1.54 -3.13 -23.75
C ARG A 356 -2.62 -2.15 -23.27
N PRO A 357 -2.22 -1.04 -22.63
CA PRO A 357 -3.22 -0.15 -22.03
C PRO A 357 -4.07 0.61 -23.05
N GLY A 358 -3.94 0.27 -24.32
CA GLY A 358 -4.79 0.83 -25.34
C GLY A 358 -5.92 -0.11 -25.72
N VAL A 359 -5.62 -1.40 -25.74
CA VAL A 359 -6.65 -2.39 -26.08
C VAL A 359 -7.43 -2.80 -24.84
N ILE A 360 -6.82 -2.71 -23.65
CA ILE A 360 -7.52 -3.04 -22.41
C ILE A 360 -8.75 -2.16 -22.24
N VAL A 361 -8.70 -0.92 -22.74
CA VAL A 361 -9.85 -0.02 -22.64
C VAL A 361 -11.05 -0.60 -23.36
N ARG A 362 -10.86 -1.01 -24.62
CA ARG A 362 -11.96 -1.57 -25.40
C ARG A 362 -12.48 -2.86 -24.79
N ASP A 363 -11.58 -3.67 -24.23
CA ASP A 363 -11.98 -4.95 -23.67
C ASP A 363 -12.74 -4.82 -22.35
N LEU A 364 -12.62 -3.67 -21.68
CA LEU A 364 -13.27 -3.49 -20.38
C LEU A 364 -14.13 -2.25 -20.28
N ASP A 365 -14.32 -1.50 -21.36
CA ASP A 365 -15.18 -0.31 -21.38
C ASP A 365 -14.77 0.68 -20.29
N LEU A 366 -13.46 0.93 -20.19
CA LEU A 366 -12.89 1.69 -19.09
C LEU A 366 -13.01 3.21 -19.27
N LYS A 367 -13.77 3.67 -20.26
CA LYS A 367 -14.03 5.09 -20.41
C LYS A 367 -15.38 5.51 -19.85
N LYS A 368 -16.24 4.55 -19.48
CA LYS A 368 -17.53 4.89 -18.92
C LYS A 368 -17.38 5.38 -17.48
N PRO A 369 -18.13 6.40 -17.07
CA PRO A 369 -18.00 6.92 -15.70
C PRO A 369 -18.65 6.02 -14.67
N ILE A 370 -18.03 4.88 -14.37
CA ILE A 370 -18.57 3.90 -13.43
C ILE A 370 -17.52 3.57 -12.38
N TYR A 371 -16.66 4.53 -12.06
CA TYR A 371 -15.55 4.26 -11.14
C TYR A 371 -15.87 4.58 -9.69
N GLN A 372 -16.81 5.50 -9.43
CA GLN A 372 -17.16 5.82 -8.05
C GLN A 372 -17.76 4.61 -7.33
N ARG A 373 -18.43 3.73 -8.07
CA ARG A 373 -19.00 2.53 -7.45
C ARG A 373 -17.91 1.60 -6.94
N THR A 374 -16.76 1.57 -7.60
CA THR A 374 -15.66 0.70 -7.20
C THR A 374 -14.84 1.25 -6.05
N ALA A 375 -15.10 2.49 -5.63
CA ALA A 375 -14.29 3.17 -4.62
C ALA A 375 -14.60 2.71 -3.20
N ALA A 376 -15.35 1.64 -3.02
CA ALA A 376 -15.67 1.14 -1.69
C ALA A 376 -16.07 -0.32 -1.78
N TYR A 377 -15.91 -1.03 -0.66
CA TYR A 377 -16.26 -2.45 -0.54
C TYR A 377 -15.47 -3.31 -1.52
N GLY A 378 -14.31 -2.84 -1.92
CA GLY A 378 -13.42 -3.63 -2.77
C GLY A 378 -13.68 -3.41 -4.25
N HIS A 379 -12.61 -3.50 -5.03
CA HIS A 379 -12.70 -3.37 -6.48
C HIS A 379 -12.91 -4.71 -7.18
N PHE A 380 -12.67 -5.83 -6.49
CA PHE A 380 -12.71 -7.14 -7.11
C PHE A 380 -13.73 -8.03 -6.39
N GLY A 381 -14.38 -8.90 -7.16
CA GLY A 381 -15.28 -9.88 -6.60
C GLY A 381 -16.72 -9.46 -6.47
N ARG A 382 -17.21 -8.61 -7.37
CA ARG A 382 -18.61 -8.22 -7.37
C ARG A 382 -19.09 -8.02 -8.79
N ASP A 383 -20.22 -8.65 -9.13
CA ASP A 383 -20.76 -8.57 -10.47
C ASP A 383 -21.32 -7.19 -10.75
N SER A 384 -21.17 -6.76 -12.02
CA SER A 384 -21.48 -5.47 -12.63
C SER A 384 -20.20 -4.86 -13.17
N PHE A 385 -19.07 -5.50 -12.87
CA PHE A 385 -17.77 -5.03 -13.31
C PHE A 385 -17.24 -5.92 -14.42
N PRO A 386 -16.80 -5.36 -15.54
CA PRO A 386 -16.37 -6.20 -16.67
C PRO A 386 -15.21 -7.12 -16.35
N TRP A 387 -14.29 -6.71 -15.48
CA TRP A 387 -13.19 -7.59 -15.11
C TRP A 387 -13.63 -8.72 -14.18
N GLU A 388 -14.92 -8.83 -13.88
CA GLU A 388 -15.43 -9.93 -13.06
C GLU A 388 -16.17 -10.99 -13.87
N VAL A 389 -16.64 -10.67 -15.07
CA VAL A 389 -17.22 -11.69 -15.93
C VAL A 389 -16.07 -12.35 -16.70
N PRO A 390 -15.83 -13.65 -16.48
CA PRO A 390 -14.65 -14.29 -17.08
C PRO A 390 -14.79 -14.42 -18.59
N LYS A 391 -13.64 -14.50 -19.25
CA LYS A 391 -13.57 -14.70 -20.68
C LYS A 391 -13.32 -16.18 -20.97
N LYS A 392 -14.13 -16.76 -21.86
CA LYS A 392 -13.92 -18.15 -22.26
C LYS A 392 -12.61 -18.29 -23.00
N LEU A 393 -11.65 -18.98 -22.39
CA LEU A 393 -10.33 -19.12 -22.97
C LEU A 393 -10.35 -20.10 -24.14
N LYS A 394 -9.33 -20.01 -24.99
CA LYS A 394 -9.14 -20.91 -26.12
C LYS A 394 -7.73 -21.46 -26.07
N TYR A 395 -7.62 -22.79 -26.05
CA TYR A 395 -6.33 -23.46 -25.97
C TYR A 395 -6.43 -24.89 -26.48
N GLY B 16 11.88 -23.96 -16.72
CA GLY B 16 11.60 -23.77 -15.31
C GLY B 16 12.03 -22.40 -14.80
N THR B 17 11.86 -21.38 -15.63
CA THR B 17 12.24 -20.02 -15.29
C THR B 17 11.00 -19.13 -15.25
N PHE B 18 11.17 -17.95 -14.64
CA PHE B 18 10.11 -16.96 -14.60
C PHE B 18 10.73 -15.59 -14.40
N LEU B 19 9.93 -14.55 -14.61
CA LEU B 19 10.36 -13.18 -14.45
C LEU B 19 9.70 -12.55 -13.24
N PHE B 20 10.37 -11.56 -12.66
CA PHE B 20 9.81 -10.78 -11.57
C PHE B 20 10.37 -9.38 -11.64
N THR B 21 9.56 -8.40 -11.27
CA THR B 21 9.88 -7.00 -11.45
C THR B 21 9.59 -6.20 -10.20
N SER B 22 10.49 -5.29 -9.84
CA SER B 22 10.31 -4.39 -8.72
C SER B 22 10.75 -2.99 -9.14
N GLU B 23 10.20 -1.98 -8.47
CA GLU B 23 10.51 -0.59 -8.75
C GLU B 23 11.02 0.11 -7.50
N SER B 24 11.60 1.28 -7.71
CA SER B 24 12.07 2.13 -6.62
C SER B 24 12.18 3.55 -7.12
N VAL B 25 12.20 4.50 -6.18
CA VAL B 25 12.23 5.91 -6.51
C VAL B 25 13.38 6.58 -5.75
N GLY B 26 13.71 7.79 -6.18
CA GLY B 26 14.74 8.58 -5.53
C GLY B 26 14.18 9.48 -4.45
N GLU B 27 15.09 10.25 -3.83
CA GLU B 27 14.69 11.14 -2.74
C GLU B 27 13.75 12.23 -3.23
N GLY B 28 13.83 12.59 -4.52
CA GLY B 28 13.04 13.67 -5.08
C GLY B 28 11.68 13.29 -5.60
N HIS B 29 11.29 12.02 -5.50
CA HIS B 29 9.96 11.61 -5.94
C HIS B 29 8.92 12.27 -5.03
N PRO B 30 7.87 12.88 -5.59
CA PRO B 30 6.92 13.63 -4.75
C PRO B 30 6.31 12.80 -3.63
N ASP B 31 5.94 11.54 -3.90
CA ASP B 31 5.48 10.67 -2.82
C ASP B 31 6.60 10.39 -1.83
N LYS B 32 7.82 10.18 -2.33
CA LYS B 32 8.94 9.89 -1.45
C LYS B 32 9.38 11.12 -0.67
N ILE B 33 9.11 12.32 -1.21
CA ILE B 33 9.39 13.55 -0.48
C ILE B 33 8.52 13.62 0.77
N CYS B 34 7.26 13.19 0.66
CA CYS B 34 6.34 13.27 1.79
C CYS B 34 6.73 12.27 2.88
N ASP B 35 7.21 11.09 2.50
CA ASP B 35 7.63 10.12 3.49
C ASP B 35 8.78 10.65 4.34
N GLN B 36 9.75 11.31 3.70
CA GLN B 36 10.87 11.88 4.44
C GLN B 36 10.43 13.04 5.31
N ILE B 37 9.55 13.90 4.80
CA ILE B 37 9.05 15.03 5.59
C ILE B 37 8.25 14.53 6.78
N SER B 38 7.39 13.53 6.56
CA SER B 38 6.59 12.98 7.67
C SER B 38 7.48 12.36 8.72
N ASP B 39 8.51 11.62 8.31
CA ASP B 39 9.44 11.01 9.27
C ASP B 39 10.43 12.01 9.83
N ALA B 40 10.70 13.12 9.13
CA ALA B 40 11.51 14.17 9.72
C ALA B 40 10.76 14.87 10.84
N VAL B 41 9.45 15.11 10.65
CA VAL B 41 8.63 15.62 11.73
C VAL B 41 8.63 14.66 12.90
N LEU B 42 8.57 13.36 12.61
CA LEU B 42 8.59 12.35 13.68
C LEU B 42 9.91 12.38 14.43
N ASP B 43 11.04 12.45 13.71
CA ASP B 43 12.34 12.51 14.37
C ASP B 43 12.49 13.77 15.21
N ALA B 44 11.84 14.87 14.80
CA ALA B 44 11.93 16.10 15.56
C ALA B 44 11.22 15.97 16.91
N HIS B 45 10.03 15.36 16.93
CA HIS B 45 9.31 15.19 18.18
C HIS B 45 10.00 14.18 19.09
N LEU B 46 10.52 13.09 18.50
CA LEU B 46 11.17 12.06 19.30
C LEU B 46 12.48 12.53 19.92
N GLN B 47 13.10 13.56 19.34
CA GLN B 47 14.34 14.07 19.92
C GLN B 47 14.11 14.74 21.27
N GLN B 48 12.99 15.46 21.40
CA GLN B 48 12.64 16.12 22.66
C GLN B 48 11.69 15.30 23.52
N ASP B 49 10.90 14.41 22.92
CA ASP B 49 9.92 13.61 23.65
C ASP B 49 9.96 12.19 23.11
N PRO B 50 10.62 11.27 23.81
CA PRO B 50 10.63 9.87 23.34
C PRO B 50 9.25 9.23 23.32
N ASP B 51 8.35 9.65 24.21
CA ASP B 51 6.99 9.12 24.27
C ASP B 51 6.02 9.92 23.42
N ALA B 52 6.46 10.42 22.27
CA ALA B 52 5.64 11.27 21.43
C ALA B 52 4.78 10.43 20.50
N LYS B 53 3.47 10.70 20.52
CA LYS B 53 2.53 10.07 19.60
C LYS B 53 2.40 10.94 18.36
N VAL B 54 2.82 10.41 17.22
CA VAL B 54 2.88 11.17 15.98
C VAL B 54 2.14 10.40 14.90
N ALA B 55 1.24 11.09 14.19
CA ALA B 55 0.55 10.55 13.01
C ALA B 55 0.46 11.71 12.03
N CYS B 56 1.51 11.89 11.23
CA CYS B 56 1.67 13.07 10.38
C CYS B 56 1.70 12.65 8.92
N GLU B 57 0.73 13.13 8.16
CA GLU B 57 0.71 12.94 6.70
C GLU B 57 1.19 14.23 6.03
N THR B 58 1.74 14.06 4.83
CA THR B 58 2.31 15.18 4.08
C THR B 58 1.81 15.14 2.65
N VAL B 59 1.39 16.30 2.15
CA VAL B 59 0.94 16.46 0.76
C VAL B 59 1.91 17.40 0.06
N ALA B 60 2.32 17.02 -1.15
CA ALA B 60 3.32 17.79 -1.91
C ALA B 60 2.78 18.05 -3.31
N LYS B 61 2.34 19.28 -3.56
CA LYS B 61 1.97 19.77 -4.87
C LYS B 61 2.89 20.94 -5.21
N THR B 62 2.67 21.54 -6.39
CA THR B 62 3.52 22.62 -6.88
C THR B 62 3.66 23.75 -5.87
N GLY B 63 4.86 23.91 -5.32
CA GLY B 63 5.14 24.98 -4.39
C GLY B 63 4.40 24.90 -3.08
N MET B 64 3.92 23.72 -2.70
CA MET B 64 3.13 23.56 -1.48
C MET B 64 3.53 22.29 -0.76
N ILE B 65 3.69 22.41 0.56
CA ILE B 65 3.90 21.27 1.45
C ILE B 65 2.91 21.42 2.60
N LEU B 66 1.93 20.52 2.66
CA LEU B 66 0.89 20.55 3.68
C LEU B 66 1.14 19.44 4.69
N LEU B 67 1.04 19.79 5.97
CA LEU B 67 1.16 18.83 7.07
C LEU B 67 -0.21 18.66 7.70
N ALA B 68 -0.79 17.47 7.54
CA ALA B 68 -2.08 17.13 8.13
C ALA B 68 -1.92 15.88 8.97
N GLY B 69 -2.51 15.90 10.16
CA GLY B 69 -2.42 14.75 11.05
C GLY B 69 -2.66 15.16 12.49
N GLU B 70 -2.27 14.27 13.40
CA GLU B 70 -2.56 14.39 14.82
C GLU B 70 -1.29 14.10 15.61
N ILE B 71 -0.98 14.96 16.59
CA ILE B 71 0.25 14.86 17.37
C ILE B 71 -0.03 15.26 18.81
N THR B 72 0.30 14.37 19.75
CA THR B 72 0.36 14.71 21.17
C THR B 72 1.80 14.55 21.63
N SER B 73 2.43 15.66 22.01
CA SER B 73 3.84 15.62 22.38
C SER B 73 4.16 16.81 23.26
N ARG B 74 5.19 16.64 24.10
CA ARG B 74 5.71 17.72 24.92
C ARG B 74 6.74 18.57 24.18
N ALA B 75 7.02 18.25 22.91
CA ALA B 75 8.08 18.90 22.16
C ALA B 75 7.55 20.13 21.43
N ALA B 76 8.40 21.15 21.33
CA ALA B 76 8.13 22.32 20.50
C ALA B 76 8.95 22.18 19.23
N VAL B 77 8.27 22.10 18.09
CA VAL B 77 8.90 21.80 16.81
C VAL B 77 8.65 22.97 15.86
N ASP B 78 9.72 23.42 15.20
CA ASP B 78 9.63 24.44 14.16
C ASP B 78 9.32 23.73 12.86
N TYR B 79 8.02 23.64 12.53
CA TYR B 79 7.60 22.89 11.35
C TYR B 79 8.11 23.54 10.07
N GLN B 80 8.11 24.88 10.02
CA GLN B 80 8.66 25.57 8.85
C GLN B 80 10.13 25.20 8.65
N LYS B 81 10.89 25.12 9.73
CA LYS B 81 12.31 24.79 9.62
C LYS B 81 12.48 23.32 9.21
N VAL B 82 11.80 22.41 9.91
CA VAL B 82 11.97 20.98 9.65
C VAL B 82 11.63 20.64 8.20
N VAL B 83 10.54 21.21 7.68
CA VAL B 83 10.12 20.91 6.32
C VAL B 83 11.16 21.40 5.32
N ARG B 84 11.59 22.65 5.47
CA ARG B 84 12.52 23.22 4.49
C ARG B 84 13.91 22.59 4.59
N GLU B 85 14.35 22.21 5.79
CA GLU B 85 15.61 21.50 5.94
C GLU B 85 15.55 20.15 5.23
N ALA B 86 14.38 19.52 5.21
CA ALA B 86 14.23 18.24 4.51
C ALA B 86 14.22 18.42 3.01
N VAL B 87 13.47 19.42 2.51
CA VAL B 87 13.47 19.71 1.08
C VAL B 87 14.86 20.13 0.61
N LYS B 88 15.62 20.80 1.48
CA LYS B 88 16.97 21.20 1.11
C LYS B 88 17.87 19.97 0.94
N HIS B 89 17.82 19.04 1.89
CA HIS B 89 18.65 17.84 1.80
C HIS B 89 18.28 16.98 0.59
N ILE B 90 17.01 17.02 0.17
CA ILE B 90 16.60 16.28 -1.02
C ILE B 90 17.26 16.88 -2.26
N GLY B 91 17.28 18.21 -2.37
CA GLY B 91 18.01 18.84 -3.46
C GLY B 91 17.20 19.85 -4.25
N TYR B 92 15.97 20.15 -3.82
CA TYR B 92 15.12 21.12 -4.49
C TYR B 92 15.38 22.49 -3.88
N ASP B 93 16.22 23.29 -4.54
CA ASP B 93 16.68 24.55 -3.97
C ASP B 93 16.65 25.70 -4.96
N ASP B 94 15.85 25.60 -6.03
CA ASP B 94 15.80 26.66 -7.02
C ASP B 94 14.53 26.53 -7.84
N SER B 95 14.07 27.66 -8.39
CA SER B 95 12.87 27.65 -9.22
C SER B 95 13.11 26.92 -10.54
N SER B 96 14.36 26.90 -11.02
CA SER B 96 14.68 26.21 -12.26
C SER B 96 14.54 24.69 -12.13
N LYS B 97 14.38 24.18 -10.92
CA LYS B 97 14.20 22.75 -10.68
C LYS B 97 12.75 22.38 -10.37
N GLY B 98 11.85 23.36 -10.29
CA GLY B 98 10.45 23.12 -10.03
C GLY B 98 10.05 23.25 -8.58
N PHE B 99 10.99 23.27 -7.65
CA PHE B 99 10.68 23.35 -6.23
C PHE B 99 11.88 23.93 -5.50
N ASP B 100 11.61 24.85 -4.57
CA ASP B 100 12.65 25.53 -3.81
C ASP B 100 12.26 25.53 -2.34
N TYR B 101 13.16 25.02 -1.49
CA TYR B 101 12.91 25.01 -0.06
C TYR B 101 12.87 26.42 0.52
N LYS B 102 13.47 27.40 -0.17
CA LYS B 102 13.52 28.76 0.36
C LYS B 102 12.21 29.51 0.16
N THR B 103 11.45 29.19 -0.88
CA THR B 103 10.30 30.00 -1.27
C THR B 103 9.02 29.17 -1.42
N CYS B 104 8.98 27.96 -0.89
CA CYS B 104 7.79 27.12 -1.02
C CYS B 104 6.79 27.43 0.09
N ASN B 105 5.52 27.17 -0.19
CA ASN B 105 4.47 27.34 0.80
C ASN B 105 4.42 26.14 1.73
N VAL B 106 4.29 26.41 3.03
CA VAL B 106 4.23 25.38 4.05
C VAL B 106 2.99 25.63 4.89
N LEU B 107 2.01 24.74 4.79
CA LEU B 107 0.78 24.81 5.57
C LEU B 107 0.77 23.73 6.64
N VAL B 108 0.34 24.09 7.84
CA VAL B 108 0.31 23.17 8.97
C VAL B 108 -1.13 23.05 9.45
N ALA B 109 -1.68 21.84 9.37
CA ALA B 109 -3.00 21.52 9.89
C ALA B 109 -2.89 20.31 10.83
N LEU B 110 -2.14 20.50 11.92
CA LEU B 110 -1.85 19.44 12.88
C LEU B 110 -2.58 19.74 14.17
N GLU B 111 -3.30 18.74 14.69
CA GLU B 111 -4.02 18.84 15.93
C GLU B 111 -3.41 17.88 16.96
N GLN B 112 -4.18 17.51 17.96
CA GLN B 112 -3.77 16.48 18.91
C GLN B 112 -4.26 15.12 18.43
N GLN B 113 -3.69 14.07 19.01
CA GLN B 113 -4.22 12.73 18.80
C GLN B 113 -5.69 12.71 19.16
N SER B 114 -6.51 12.13 18.30
CA SER B 114 -7.96 12.16 18.49
C SER B 114 -8.31 11.64 19.88
N PRO B 115 -9.08 12.41 20.67
CA PRO B 115 -9.33 12.02 22.07
C PRO B 115 -9.93 10.64 22.21
N ASP B 116 -10.67 10.17 21.21
CA ASP B 116 -11.17 8.79 21.24
C ASP B 116 -10.04 7.79 21.03
N ILE B 117 -9.09 8.11 20.14
CA ILE B 117 -8.00 7.18 19.86
C ILE B 117 -7.02 7.12 21.01
N ALA B 118 -6.93 8.18 21.81
CA ALA B 118 -5.90 8.23 22.84
C ALA B 118 -6.24 7.36 24.06
N GLN B 119 -7.52 7.25 24.40
CA GLN B 119 -7.89 6.57 25.64
C GLN B 119 -7.81 5.05 25.52
N GLY B 120 -8.29 4.49 24.42
CA GLY B 120 -8.29 3.05 24.23
C GLY B 120 -7.02 2.47 23.67
N VAL B 121 -5.94 3.24 23.60
N VAL B 121 -5.93 3.23 23.63
CA VAL B 121 -4.64 2.75 23.13
CA VAL B 121 -4.71 2.76 22.97
C VAL B 121 -3.61 2.98 24.22
C VAL B 121 -3.50 2.91 23.90
N HIS B 122 -3.25 4.25 24.43
N HIS B 122 -3.41 4.01 24.62
CA HIS B 122 -2.29 4.59 25.48
CA HIS B 122 -2.19 4.25 25.40
C HIS B 122 -3.01 5.21 26.67
C HIS B 122 -2.41 5.04 26.68
N LEU B 123 -2.35 6.17 27.34
N LEU B 123 -3.49 5.80 26.78
CA LEU B 123 -2.85 6.78 28.57
CA LEU B 123 -3.68 6.69 27.93
C LEU B 123 -2.99 5.76 29.69
C LEU B 123 -3.78 5.89 29.22
N ASP B 124 -2.01 5.73 30.58
N ASP B 124 -2.87 6.18 30.15
CA ASP B 124 -2.03 4.91 31.80
CA ASP B 124 -2.83 5.54 31.47
C ASP B 124 -1.92 3.42 31.50
C ASP B 124 -2.67 4.02 31.34
N ARG B 125 -1.00 3.06 30.61
N ARG B 125 -1.65 3.60 30.59
CA ARG B 125 -0.62 1.67 30.36
CA ARG B 125 -1.40 2.19 30.36
C ARG B 125 0.80 1.43 30.83
C ARG B 125 0.06 1.86 30.66
N ASN B 126 1.17 0.16 30.95
N ASN B 126 0.26 0.66 31.21
CA ASN B 126 2.47 -0.24 31.50
CA ASN B 126 1.59 0.14 31.46
C ASN B 126 3.43 -0.73 30.43
C ASN B 126 2.33 -0.05 30.14
N GLU B 127 3.46 -0.04 29.29
N GLU B 127 3.65 0.17 30.18
CA GLU B 127 4.42 -0.28 28.22
CA GLU B 127 4.43 0.22 28.93
C GLU B 127 4.53 -1.74 27.81
C GLU B 127 4.59 -1.16 28.32
N GLU B 128 5.34 -2.50 28.56
N GLU B 128 5.00 -2.15 29.11
CA GLU B 128 5.69 -3.87 28.15
CA GLU B 128 5.35 -3.46 28.55
C GLU B 128 4.46 -4.76 28.03
C GLU B 128 4.17 -4.10 27.84
N ASP B 129 3.43 -4.52 28.85
N ASP B 129 2.96 -3.95 28.38
CA ASP B 129 2.24 -5.35 28.84
CA ASP B 129 1.74 -4.37 27.71
C ASP B 129 1.07 -4.69 28.11
C ASP B 129 1.03 -3.10 27.23
N ILE B 130 1.35 -3.84 27.13
N ILE B 130 1.53 -2.57 26.11
CA ILE B 130 0.30 -3.36 26.24
CA ILE B 130 0.96 -1.36 25.53
C ILE B 130 0.08 -4.41 25.17
C ILE B 130 -0.12 -1.75 24.53
N GLY B 131 -1.19 -4.74 24.92
N GLY B 131 -0.90 -0.78 24.07
CA GLY B 131 -1.50 -5.80 23.98
CA GLY B 131 -1.96 -1.03 23.10
C GLY B 131 -1.64 -5.29 22.56
C GLY B 131 -1.47 -1.14 21.68
N ALA B 132 -2.82 -4.81 22.23
N ALA B 132 -2.36 -0.87 20.74
CA ALA B 132 -3.09 -4.23 20.92
CA ALA B 132 -2.05 -0.90 19.32
C ALA B 132 -4.47 -3.58 20.95
C ALA B 132 -2.69 0.31 18.65
N GLY B 133 -4.60 -2.47 20.22
N GLY B 133 -1.88 1.09 17.94
CA GLY B 133 -5.89 -1.89 19.97
CA GLY B 133 -2.39 2.31 17.33
C GLY B 133 -6.31 -2.18 18.54
C GLY B 133 -3.44 2.04 16.28
N ASP B 134 -5.65 -3.16 17.94
N ASP B 134 -3.20 1.04 15.43
CA ASP B 134 -5.85 -3.49 16.53
CA ASP B 134 -4.12 0.72 14.34
C ASP B 134 -5.69 -5.00 16.38
C ASP B 134 -4.06 -0.78 14.06
N GLN B 135 -5.53 -5.45 15.14
N GLN B 135 -5.22 -1.40 13.92
CA GLN B 135 -5.51 -6.87 14.82
CA GLN B 135 -5.28 -2.79 13.53
C GLN B 135 -4.07 -7.33 14.51
C GLN B 135 -4.81 -2.98 12.11
N GLY B 136 -3.96 -8.42 13.76
N GLY B 136 -4.16 -4.11 11.86
CA GLY B 136 -2.68 -9.10 13.58
CA GLY B 136 -3.65 -4.38 10.53
C GLY B 136 -1.93 -8.74 12.33
C GLY B 136 -3.11 -5.80 10.44
N LEU B 137 -2.45 -9.18 11.17
N LEU B 137 -2.47 -6.06 9.31
CA LEU B 137 -1.81 -9.01 9.86
CA LEU B 137 -1.88 -7.38 9.03
C LEU B 137 -0.30 -9.10 9.93
C LEU B 137 -0.37 -7.24 8.99
N MET B 138 0.40 -8.11 9.36
N MET B 138 0.33 -8.21 9.58
CA MET B 138 1.84 -7.95 9.49
CA MET B 138 1.78 -8.17 9.72
C MET B 138 2.64 -9.11 8.92
C MET B 138 2.41 -9.27 8.89
N PHE B 139 3.32 -8.89 7.80
N PHE B 139 3.44 -8.90 8.13
CA PHE B 139 4.13 -9.90 7.15
CA PHE B 139 4.14 -9.82 7.24
C PHE B 139 5.61 -9.54 7.20
C PHE B 139 5.63 -9.51 7.26
N GLY B 140 6.44 -10.56 7.11
CA GLY B 140 7.88 -10.40 7.08
C GLY B 140 8.52 -11.40 6.13
N TYR B 141 9.46 -10.93 5.30
CA TYR B 141 10.00 -11.74 4.22
C TYR B 141 11.52 -11.68 4.21
N ALA B 142 12.13 -12.76 3.72
CA ALA B 142 13.58 -12.84 3.60
C ALA B 142 13.94 -13.89 2.55
N THR B 143 15.10 -13.72 1.94
CA THR B 143 15.56 -14.63 0.90
C THR B 143 17.08 -14.55 0.80
N ASP B 144 17.71 -15.68 0.51
CA ASP B 144 19.16 -15.77 0.44
C ASP B 144 19.72 -15.43 -0.93
N GLU B 145 18.92 -14.84 -1.81
CA GLU B 145 19.39 -14.53 -3.15
C GLU B 145 20.37 -13.36 -3.17
N THR B 146 20.37 -12.53 -2.13
CA THR B 146 21.34 -11.47 -1.96
C THR B 146 21.88 -11.52 -0.53
N GLU B 147 23.06 -10.92 -0.33
CA GLU B 147 23.61 -10.86 1.01
C GLU B 147 22.86 -9.85 1.88
N GLU B 148 22.07 -8.96 1.28
CA GLU B 148 21.15 -8.12 2.03
C GLU B 148 19.92 -8.89 2.50
N CYS B 149 19.82 -10.18 2.17
CA CYS B 149 18.66 -11.00 2.51
C CYS B 149 17.37 -10.41 1.94
N MET B 150 17.45 -9.89 0.73
CA MET B 150 16.35 -9.22 0.07
C MET B 150 16.32 -9.64 -1.39
N PRO B 151 15.17 -9.47 -2.06
CA PRO B 151 15.10 -9.81 -3.48
C PRO B 151 16.04 -8.94 -4.31
N LEU B 152 16.70 -9.57 -5.29
CA LEU B 152 17.64 -8.85 -6.14
C LEU B 152 16.94 -7.77 -6.96
N THR B 153 15.65 -7.96 -7.26
CA THR B 153 14.92 -7.00 -8.08
C THR B 153 14.88 -5.62 -7.41
N ILE B 154 14.57 -5.59 -6.12
CA ILE B 154 14.41 -4.31 -5.44
C ILE B 154 15.74 -3.81 -4.86
N VAL B 155 16.69 -4.70 -4.57
CA VAL B 155 17.99 -4.27 -4.12
C VAL B 155 18.69 -3.45 -5.20
N LEU B 156 18.63 -3.92 -6.44
CA LEU B 156 19.22 -3.17 -7.54
C LEU B 156 18.44 -1.88 -7.80
N ALA B 157 17.11 -1.94 -7.74
CA ALA B 157 16.30 -0.75 -8.00
C ALA B 157 16.59 0.34 -6.97
N HIS B 158 16.80 -0.04 -5.70
CA HIS B 158 17.15 0.93 -4.68
C HIS B 158 18.52 1.53 -4.95
N LYS B 159 19.49 0.68 -5.29
CA LYS B 159 20.87 1.15 -5.46
C LYS B 159 21.02 2.03 -6.71
N LEU B 160 20.17 1.83 -7.72
CA LEU B 160 20.23 2.67 -8.91
C LEU B 160 19.86 4.11 -8.57
N ASN B 161 18.78 4.31 -7.82
CA ASN B 161 18.39 5.65 -7.40
C ASN B 161 19.41 6.29 -6.48
N ALA B 162 20.08 5.47 -5.65
CA ALA B 162 21.08 6.02 -4.74
C ALA B 162 22.32 6.47 -5.49
N LYS B 163 22.75 5.71 -6.51
CA LYS B 163 23.89 6.14 -7.31
C LYS B 163 23.59 7.43 -8.05
N LEU B 164 22.34 7.62 -8.49
CA LEU B 164 21.96 8.86 -9.16
C LEU B 164 22.10 10.05 -8.23
N ALA B 165 21.55 9.94 -7.01
CA ALA B 165 21.70 11.02 -6.04
C ALA B 165 23.14 11.17 -5.59
N GLU B 166 23.90 10.08 -5.59
CA GLU B 166 25.32 10.16 -5.24
C GLU B 166 26.10 10.95 -6.27
N LEU B 167 25.86 10.70 -7.57
CA LEU B 167 26.52 11.44 -8.62
C LEU B 167 25.97 12.85 -8.80
N ARG B 168 24.74 13.11 -8.35
CA ARG B 168 24.17 14.44 -8.48
C ARG B 168 24.78 15.40 -7.47
N ARG B 169 25.11 14.92 -6.27
CA ARG B 169 25.58 15.82 -5.22
C ARG B 169 27.06 16.15 -5.36
N ASN B 170 27.88 15.18 -5.76
CA ASN B 170 29.31 15.43 -5.90
C ASN B 170 29.67 16.12 -7.22
N GLY B 171 28.70 16.33 -8.10
CA GLY B 171 28.96 17.05 -9.34
C GLY B 171 29.45 16.20 -10.48
N THR B 172 29.42 14.87 -10.35
CA THR B 172 29.83 14.02 -11.47
C THR B 172 28.87 14.14 -12.64
N LEU B 173 27.58 14.28 -12.36
CA LEU B 173 26.55 14.53 -13.37
C LEU B 173 25.73 15.73 -12.91
N PRO B 174 26.24 16.94 -13.09
CA PRO B 174 25.54 18.13 -12.59
C PRO B 174 24.19 18.38 -13.26
N TRP B 175 23.89 17.70 -14.36
CA TRP B 175 22.61 17.84 -15.02
C TRP B 175 21.50 17.03 -14.37
N LEU B 176 21.82 16.26 -13.33
CA LEU B 176 20.81 15.45 -12.66
C LEU B 176 19.93 16.31 -11.76
N ARG B 177 18.74 15.79 -11.47
CA ARG B 177 17.77 16.44 -10.61
C ARG B 177 17.14 15.37 -9.72
N PRO B 178 16.58 15.77 -8.57
CA PRO B 178 16.24 14.76 -7.54
C PRO B 178 15.24 13.70 -7.98
N ASP B 179 14.20 14.07 -8.74
CA ASP B 179 13.15 13.11 -9.07
C ASP B 179 13.67 12.02 -9.98
N SER B 180 13.44 10.76 -9.60
CA SER B 180 13.90 9.61 -10.37
C SER B 180 13.08 8.39 -10.03
N LYS B 181 12.91 7.51 -11.01
CA LYS B 181 12.24 6.23 -10.82
C LYS B 181 13.01 5.15 -11.57
N THR B 182 13.06 3.95 -10.99
CA THR B 182 13.75 2.82 -11.58
C THR B 182 12.86 1.59 -11.55
N GLN B 183 13.25 0.58 -12.32
CA GLN B 183 12.51 -0.68 -12.37
C GLN B 183 13.44 -1.74 -12.93
N VAL B 184 13.52 -2.89 -12.25
CA VAL B 184 14.43 -3.96 -12.61
C VAL B 184 13.64 -5.26 -12.71
N THR B 185 13.79 -5.95 -13.85
CA THR B 185 13.18 -7.26 -14.08
C THR B 185 14.28 -8.30 -14.12
N VAL B 186 14.19 -9.30 -13.26
CA VAL B 186 15.20 -10.34 -13.13
C VAL B 186 14.60 -11.68 -13.55
N GLN B 187 15.34 -12.42 -14.37
CA GLN B 187 14.96 -13.79 -14.73
C GLN B 187 15.43 -14.73 -13.63
N TYR B 188 14.50 -15.51 -13.08
CA TYR B 188 14.78 -16.41 -11.97
C TYR B 188 14.62 -17.86 -12.41
N MET B 189 15.12 -18.76 -11.58
CA MET B 189 14.93 -20.19 -11.77
C MET B 189 14.63 -20.82 -10.42
N GLN B 190 13.55 -21.58 -10.35
CA GLN B 190 13.15 -22.18 -9.09
C GLN B 190 14.14 -23.26 -8.65
N ASP B 191 14.24 -23.44 -7.34
CA ASP B 191 15.20 -24.38 -6.76
C ASP B 191 14.67 -24.88 -5.42
N ARG B 192 13.69 -25.78 -5.44
CA ARG B 192 13.06 -26.33 -4.24
C ARG B 192 12.55 -25.21 -3.32
N GLY B 193 11.71 -24.37 -3.89
CA GLY B 193 11.15 -23.22 -3.20
C GLY B 193 11.99 -21.97 -3.28
N ALA B 194 13.31 -22.13 -3.24
CA ALA B 194 14.20 -20.99 -3.35
C ALA B 194 14.27 -20.51 -4.80
N VAL B 195 14.71 -19.28 -4.97
CA VAL B 195 14.81 -18.64 -6.28
C VAL B 195 16.26 -18.28 -6.54
N LEU B 196 16.75 -18.63 -7.72
CA LEU B 196 18.12 -18.33 -8.11
C LEU B 196 18.13 -17.29 -9.23
N PRO B 197 18.60 -16.07 -8.97
CA PRO B 197 18.73 -15.10 -10.07
C PRO B 197 19.87 -15.49 -10.99
N ILE B 198 19.59 -15.49 -12.30
CA ILE B 198 20.56 -15.90 -13.30
C ILE B 198 21.03 -14.72 -14.14
N ARG B 199 20.16 -13.76 -14.43
CA ARG B 199 20.52 -12.61 -15.25
C ARG B 199 19.47 -11.52 -15.07
N VAL B 200 19.85 -10.30 -15.44
CA VAL B 200 18.95 -9.16 -15.43
C VAL B 200 18.26 -9.09 -16.79
N HIS B 201 16.93 -9.07 -16.77
CA HIS B 201 16.14 -9.13 -18.00
C HIS B 201 15.87 -7.74 -18.58
N THR B 202 15.41 -6.81 -17.75
CA THR B 202 15.03 -5.49 -18.23
C THR B 202 15.25 -4.46 -17.13
N ILE B 203 15.84 -3.32 -17.50
CA ILE B 203 16.10 -2.22 -16.58
C ILE B 203 15.42 -0.96 -17.13
N VAL B 204 14.77 -0.21 -16.24
CA VAL B 204 14.12 1.05 -16.57
C VAL B 204 14.68 2.13 -15.66
N ILE B 205 15.03 3.27 -16.26
CA ILE B 205 15.53 4.43 -15.50
C ILE B 205 14.92 5.69 -16.10
N SER B 206 14.27 6.48 -15.25
CA SER B 206 13.72 7.77 -15.63
C SER B 206 14.08 8.78 -14.56
N VAL B 207 14.86 9.79 -14.92
CA VAL B 207 15.40 10.75 -13.96
C VAL B 207 15.19 12.17 -14.48
N GLN B 208 14.83 13.07 -13.57
CA GLN B 208 14.70 14.48 -13.92
C GLN B 208 16.07 15.07 -14.24
N HIS B 209 16.13 15.91 -15.28
CA HIS B 209 17.41 16.31 -15.82
C HIS B 209 17.41 17.80 -16.17
N ASP B 210 18.57 18.26 -16.61
CA ASP B 210 18.80 19.65 -16.99
C ASP B 210 18.06 19.99 -18.28
N GLU B 211 18.05 21.28 -18.61
CA GLU B 211 17.58 21.74 -19.91
C GLU B 211 18.68 21.75 -20.96
N GLU B 212 19.92 21.49 -20.56
CA GLU B 212 21.09 21.55 -21.43
C GLU B 212 21.46 20.18 -22.00
N VAL B 213 21.58 19.16 -21.14
CA VAL B 213 22.08 17.87 -21.58
C VAL B 213 21.12 17.25 -22.60
N CYS B 214 21.68 16.57 -23.59
CA CYS B 214 20.89 15.95 -24.64
C CYS B 214 20.49 14.53 -24.25
N LEU B 215 19.58 13.95 -25.03
CA LEU B 215 19.09 12.61 -24.76
C LEU B 215 20.16 11.55 -24.95
N ASP B 216 21.20 11.83 -25.75
CA ASP B 216 22.25 10.85 -25.98
C ASP B 216 23.22 10.78 -24.82
N GLU B 217 23.66 11.94 -24.32
CA GLU B 217 24.63 11.97 -23.23
C GLU B 217 24.05 11.38 -21.95
N MET B 218 22.75 11.51 -21.74
CA MET B 218 22.13 10.96 -20.54
C MET B 218 22.12 9.44 -20.57
N ARG B 219 21.64 8.84 -21.66
CA ARG B 219 21.54 7.39 -21.75
C ARG B 219 22.92 6.73 -21.71
N ASP B 220 23.95 7.40 -22.23
CA ASP B 220 25.30 6.86 -22.12
C ASP B 220 25.78 6.89 -20.68
N ALA B 221 25.50 7.98 -19.95
CA ALA B 221 25.93 8.08 -18.57
C ALA B 221 25.13 7.15 -17.67
N LEU B 222 23.83 6.99 -17.95
CA LEU B 222 23.01 6.10 -17.13
C LEU B 222 23.45 4.65 -17.27
N LYS B 223 24.01 4.26 -18.41
CA LYS B 223 24.41 2.88 -18.61
C LYS B 223 25.83 2.64 -18.12
N GLU B 224 26.74 3.58 -18.39
CA GLU B 224 28.15 3.37 -18.07
C GLU B 224 28.50 3.78 -16.64
N LYS B 225 27.94 4.89 -16.15
CA LYS B 225 28.29 5.40 -14.84
C LYS B 225 27.31 4.99 -13.74
N VAL B 226 26.14 4.49 -14.08
CA VAL B 226 25.14 4.16 -13.08
C VAL B 226 24.86 2.66 -13.07
N ILE B 227 24.37 2.14 -14.19
CA ILE B 227 23.97 0.73 -14.25
C ILE B 227 25.18 -0.18 -14.08
N LYS B 228 26.22 0.03 -14.90
CA LYS B 228 27.40 -0.82 -14.83
C LYS B 228 28.23 -0.57 -13.59
N ALA B 229 27.92 0.46 -12.81
CA ALA B 229 28.58 0.70 -11.53
C ALA B 229 27.80 0.13 -10.35
N VAL B 230 26.55 -0.25 -10.56
CA VAL B 230 25.69 -0.79 -9.51
C VAL B 230 25.42 -2.27 -9.71
N VAL B 231 25.07 -2.66 -10.94
CA VAL B 231 24.71 -4.05 -11.21
C VAL B 231 25.98 -4.86 -11.43
N PRO B 232 26.13 -6.02 -10.79
CA PRO B 232 27.28 -6.88 -11.10
C PRO B 232 27.26 -7.31 -12.56
N ALA B 233 28.45 -7.38 -13.15
CA ALA B 233 28.56 -7.68 -14.58
C ALA B 233 28.09 -9.09 -14.92
N LYS B 234 28.11 -10.02 -13.96
CA LYS B 234 27.69 -11.38 -14.25
C LYS B 234 26.19 -11.48 -14.50
N TYR B 235 25.41 -10.49 -14.07
CA TYR B 235 23.98 -10.45 -14.32
C TYR B 235 23.61 -9.69 -15.58
N LEU B 236 24.58 -9.09 -16.26
CA LEU B 236 24.34 -8.30 -17.46
C LEU B 236 24.97 -8.99 -18.66
N ASP B 237 24.21 -9.09 -19.75
CA ASP B 237 24.69 -9.70 -20.98
C ASP B 237 24.26 -8.81 -22.15
N GLU B 238 24.42 -9.33 -23.36
CA GLU B 238 24.09 -8.57 -24.57
C GLU B 238 22.60 -8.55 -24.88
N ASP B 239 21.81 -9.36 -24.18
CA ASP B 239 20.37 -9.40 -24.37
C ASP B 239 19.60 -8.57 -23.34
N THR B 240 20.29 -7.93 -22.41
CA THR B 240 19.62 -7.14 -21.39
C THR B 240 18.93 -5.94 -22.03
N ILE B 241 17.65 -5.76 -21.71
CA ILE B 241 16.83 -4.71 -22.30
C ILE B 241 16.93 -3.47 -21.43
N TYR B 242 17.22 -2.33 -22.06
CA TYR B 242 17.40 -1.06 -21.37
C TYR B 242 16.37 -0.06 -21.87
N HIS B 243 15.52 0.42 -20.95
CA HIS B 243 14.60 1.52 -21.22
C HIS B 243 15.11 2.72 -20.43
N LEU B 244 16.04 3.45 -21.03
CA LEU B 244 16.68 4.60 -20.38
C LEU B 244 16.08 5.89 -20.93
N GLN B 245 15.49 6.69 -20.04
CA GLN B 245 14.73 7.87 -20.40
C GLN B 245 13.69 7.54 -21.48
N PRO B 246 12.79 6.58 -21.21
CA PRO B 246 11.83 6.17 -22.25
C PRO B 246 10.76 7.22 -22.54
N SER B 247 10.48 8.12 -21.59
CA SER B 247 9.51 9.17 -21.84
C SER B 247 10.06 10.25 -22.76
N GLY B 248 11.38 10.33 -22.92
CA GLY B 248 11.98 11.32 -23.78
C GLY B 248 12.43 12.56 -23.02
N ARG B 249 11.46 13.36 -22.58
CA ARG B 249 11.73 14.59 -21.86
C ARG B 249 11.33 14.43 -20.39
N PHE B 250 12.11 15.06 -19.51
CA PHE B 250 11.88 14.95 -18.07
C PHE B 250 12.53 16.13 -17.34
N VAL B 251 12.21 17.35 -17.77
CA VAL B 251 12.68 18.52 -17.05
C VAL B 251 11.69 18.95 -15.96
N ILE B 252 10.42 18.60 -16.12
CA ILE B 252 9.39 18.90 -15.12
C ILE B 252 9.28 17.69 -14.20
N GLY B 253 9.55 17.89 -12.91
CA GLY B 253 9.47 16.82 -11.95
C GLY B 253 9.09 17.29 -10.56
N GLY B 254 9.31 16.44 -9.56
CA GLY B 254 8.97 16.78 -8.19
C GLY B 254 7.48 16.93 -7.99
N PRO B 255 7.10 17.70 -6.96
CA PRO B 255 5.66 17.93 -6.72
C PRO B 255 4.95 18.66 -7.84
N GLN B 256 5.68 19.18 -8.83
CA GLN B 256 5.04 19.89 -9.93
C GLN B 256 4.49 18.92 -10.98
N GLY B 257 5.14 17.78 -11.19
CA GLY B 257 4.69 16.84 -12.19
C GLY B 257 3.63 15.87 -11.68
N ASP B 258 3.65 15.59 -10.37
CA ASP B 258 2.70 14.68 -9.78
C ASP B 258 2.49 15.06 -8.32
N ALA B 259 1.23 14.99 -7.87
CA ALA B 259 0.95 15.22 -6.46
C ALA B 259 1.59 14.14 -5.60
N GLY B 260 2.14 14.55 -4.47
CA GLY B 260 2.84 13.65 -3.57
C GLY B 260 2.06 13.46 -2.29
N LEU B 261 2.04 12.22 -1.80
CA LEU B 261 1.34 11.88 -0.57
C LEU B 261 2.20 10.92 0.24
N THR B 262 2.08 11.01 1.56
CA THR B 262 2.78 10.08 2.45
C THR B 262 2.13 8.71 2.38
N GLY B 263 2.95 7.67 2.25
CA GLY B 263 2.44 6.31 2.23
C GLY B 263 1.83 5.90 0.91
N ARG B 264 2.47 6.26 -0.21
CA ARG B 264 2.03 5.85 -1.54
C ARG B 264 3.06 5.00 -2.25
N LYS B 265 4.11 4.56 -1.56
CA LYS B 265 5.13 3.68 -2.11
C LYS B 265 5.46 2.57 -1.11
N ILE B 266 4.42 1.98 -0.51
CA ILE B 266 4.64 0.98 0.54
C ILE B 266 5.24 -0.30 -0.01
N ILE B 267 5.06 -0.58 -1.29
CA ILE B 267 5.71 -1.75 -1.89
C ILE B 267 7.18 -1.44 -2.16
N VAL B 268 7.50 -0.20 -2.54
CA VAL B 268 8.90 0.23 -2.62
C VAL B 268 9.52 0.21 -1.23
N ASP B 269 8.73 0.56 -0.21
CA ASP B 269 9.22 0.59 1.17
C ASP B 269 9.53 -0.79 1.71
N THR B 270 8.92 -1.85 1.17
CA THR B 270 9.02 -3.18 1.76
C THR B 270 9.78 -4.10 0.83
N TYR B 271 9.11 -4.93 0.04
CA TYR B 271 9.77 -6.03 -0.66
C TYR B 271 9.58 -5.99 -2.16
N GLY B 272 9.01 -4.93 -2.71
CA GLY B 272 8.94 -4.79 -4.16
C GLY B 272 8.13 -5.85 -4.87
N GLY B 273 7.05 -6.34 -4.24
CA GLY B 273 6.18 -7.34 -4.82
C GLY B 273 6.32 -8.71 -4.19
N TRP B 274 7.50 -9.04 -3.70
CA TRP B 274 7.69 -10.32 -3.03
C TRP B 274 7.01 -10.32 -1.66
N GLY B 275 6.81 -11.52 -1.12
CA GLY B 275 6.14 -11.63 0.16
C GLY B 275 4.69 -11.19 0.07
N ALA B 276 4.26 -10.42 1.06
CA ALA B 276 2.91 -9.89 1.09
C ALA B 276 2.90 -8.64 1.95
N HIS B 277 1.80 -7.90 1.89
CA HIS B 277 1.66 -6.64 2.62
C HIS B 277 0.27 -6.55 3.21
N GLY B 278 0.17 -5.95 4.40
CA GLY B 278 -1.09 -5.79 5.09
C GLY B 278 -1.82 -4.52 4.72
N GLY B 279 -1.07 -3.46 4.41
CA GLY B 279 -1.68 -2.22 3.97
C GLY B 279 -1.13 -0.97 4.62
N GLY B 280 -0.74 -1.08 5.89
CA GLY B 280 -0.32 0.10 6.63
C GLY B 280 0.98 0.68 6.12
N ALA B 281 1.05 2.01 6.11
CA ALA B 281 2.26 2.71 5.73
C ALA B 281 3.12 2.99 6.96
N PHE B 282 4.41 3.24 6.72
CA PHE B 282 5.37 3.40 7.81
C PHE B 282 5.57 4.86 8.21
N SER B 283 5.80 5.73 7.23
CA SER B 283 6.24 7.08 7.52
C SER B 283 5.16 7.89 8.22
N GLY B 284 5.58 8.68 9.21
CA GLY B 284 4.69 9.55 9.94
C GLY B 284 4.13 8.96 11.23
N LYS B 285 4.44 7.70 11.54
CA LYS B 285 3.89 7.03 12.70
C LYS B 285 5.00 6.66 13.68
N ASP B 286 4.74 6.86 14.97
CA ASP B 286 5.70 6.51 16.00
C ASP B 286 5.69 5.01 16.23
N TYR B 287 6.39 4.55 17.26
CA TYR B 287 6.57 3.12 17.48
C TYR B 287 5.28 2.45 17.97
N THR B 288 4.39 3.21 18.62
CA THR B 288 3.16 2.61 19.14
C THR B 288 2.23 2.12 18.04
N LYS B 289 2.40 2.59 16.82
CA LYS B 289 1.65 2.08 15.67
C LYS B 289 2.21 0.71 15.31
N VAL B 290 1.48 -0.35 15.65
CA VAL B 290 1.91 -1.71 15.38
C VAL B 290 2.04 -1.99 13.89
N ASP B 291 1.50 -1.10 13.04
CA ASP B 291 1.72 -1.24 11.61
C ASP B 291 3.20 -1.19 11.26
N ARG B 292 3.99 -0.42 12.01
CA ARG B 292 5.40 -0.20 11.72
C ARG B 292 6.32 -1.03 12.60
N SER B 293 6.07 -1.04 13.91
CA SER B 293 6.95 -1.74 14.83
C SER B 293 6.95 -3.24 14.57
N ALA B 294 5.77 -3.83 14.38
CA ALA B 294 5.69 -5.27 14.16
C ALA B 294 6.15 -5.65 12.76
N ALA B 295 5.97 -4.75 11.78
CA ALA B 295 6.48 -5.02 10.44
C ALA B 295 8.00 -5.08 10.44
N TYR B 296 8.65 -4.19 11.18
CA TYR B 296 10.10 -4.27 11.34
C TYR B 296 10.49 -5.53 12.10
N ALA B 297 9.66 -5.98 13.04
CA ALA B 297 9.99 -7.16 13.83
C ALA B 297 9.85 -8.43 13.02
N ALA B 298 8.85 -8.50 12.14
CA ALA B 298 8.67 -9.67 11.30
C ALA B 298 9.84 -9.83 10.33
N ARG B 299 10.33 -8.71 9.78
CA ARG B 299 11.54 -8.76 8.96
C ARG B 299 12.75 -9.18 9.79
N TRP B 300 12.82 -8.70 11.04
CA TRP B 300 13.90 -9.10 11.94
C TRP B 300 13.90 -10.61 12.15
N VAL B 301 12.74 -11.20 12.36
CA VAL B 301 12.65 -12.65 12.53
C VAL B 301 12.95 -13.36 11.22
N ALA B 302 12.39 -12.85 10.11
CA ALA B 302 12.59 -13.51 8.82
C ALA B 302 14.05 -13.54 8.43
N LYS B 303 14.77 -12.42 8.61
CA LYS B 303 16.17 -12.38 8.27
C LYS B 303 17.01 -13.24 9.22
N SER B 304 16.59 -13.36 10.48
CA SER B 304 17.32 -14.20 11.42
C SER B 304 17.21 -15.68 11.06
N LEU B 305 16.08 -16.09 10.48
CA LEU B 305 15.92 -17.50 10.09
C LEU B 305 16.81 -17.85 8.91
N VAL B 306 16.87 -16.99 7.90
CA VAL B 306 17.66 -17.28 6.71
C VAL B 306 19.15 -17.19 7.03
N LYS B 307 19.56 -16.13 7.71
CA LYS B 307 20.95 -15.98 8.09
C LYS B 307 21.39 -17.02 9.11
N GLY B 308 20.46 -17.59 9.85
CA GLY B 308 20.78 -18.68 10.77
C GLY B 308 20.96 -20.03 10.11
N GLY B 309 20.66 -20.14 8.82
CA GLY B 309 20.76 -21.39 8.11
C GLY B 309 19.55 -22.30 8.21
N LEU B 310 18.46 -21.83 8.82
CA LEU B 310 17.29 -22.66 9.01
C LEU B 310 16.37 -22.68 7.80
N CYS B 311 16.65 -21.88 6.77
CA CYS B 311 15.89 -21.84 5.53
C CYS B 311 16.57 -20.88 4.57
N ARG B 312 16.27 -21.04 3.29
CA ARG B 312 16.76 -20.16 2.25
C ARG B 312 15.76 -19.08 1.85
N ARG B 313 14.46 -19.38 1.99
CA ARG B 313 13.40 -18.41 1.78
C ARG B 313 12.34 -18.63 2.85
N VAL B 314 11.73 -17.55 3.33
CA VAL B 314 10.77 -17.65 4.42
C VAL B 314 9.85 -16.43 4.37
N LEU B 315 8.59 -16.65 4.75
CA LEU B 315 7.61 -15.59 4.95
C LEU B 315 6.97 -15.79 6.31
N VAL B 316 6.99 -14.74 7.14
CA VAL B 316 6.52 -14.80 8.52
C VAL B 316 5.26 -13.95 8.63
N GLN B 317 4.22 -14.50 9.25
CA GLN B 317 3.00 -13.76 9.54
C GLN B 317 2.70 -13.89 11.03
N VAL B 318 2.57 -12.75 11.70
CA VAL B 318 2.32 -12.69 13.13
C VAL B 318 0.91 -12.16 13.34
N SER B 319 0.03 -13.02 13.85
CA SER B 319 -1.40 -12.70 13.97
C SER B 319 -1.70 -12.30 15.42
N TYR B 320 -1.47 -11.02 15.72
CA TYR B 320 -1.77 -10.49 17.04
C TYR B 320 -3.27 -10.46 17.29
N ALA B 321 -3.63 -10.19 18.55
CA ALA B 321 -5.02 -10.03 18.98
C ALA B 321 -5.11 -8.78 19.85
N ILE B 322 -6.34 -8.35 20.10
CA ILE B 322 -6.59 -7.10 20.82
C ILE B 322 -6.15 -7.25 22.28
N GLY B 323 -6.90 -8.01 23.06
CA GLY B 323 -6.62 -8.14 24.49
C GLY B 323 -5.54 -9.13 24.82
N VAL B 324 -4.57 -9.31 23.92
CA VAL B 324 -3.47 -10.26 24.11
C VAL B 324 -2.16 -9.53 23.81
N SER B 325 -1.19 -9.68 24.71
CA SER B 325 0.11 -9.06 24.52
C SER B 325 0.98 -9.89 23.57
N HIS B 326 1.25 -11.15 23.94
CA HIS B 326 2.00 -12.04 23.07
C HIS B 326 1.24 -12.27 21.76
N PRO B 327 1.95 -12.65 20.70
CA PRO B 327 1.27 -12.95 19.44
C PRO B 327 0.29 -14.11 19.60
N LEU B 328 -0.90 -13.95 19.02
CA LEU B 328 -1.92 -14.99 19.11
C LEU B 328 -1.59 -16.18 18.23
N SER B 329 -0.94 -15.95 17.09
CA SER B 329 -0.59 -17.04 16.19
C SER B 329 0.54 -16.60 15.27
N ILE B 330 1.57 -17.44 15.17
CA ILE B 330 2.68 -17.23 14.25
C ILE B 330 2.70 -18.41 13.28
N SER B 331 2.69 -18.11 11.99
CA SER B 331 2.76 -19.12 10.95
C SER B 331 3.94 -18.83 10.04
N ILE B 332 4.80 -19.82 9.87
CA ILE B 332 6.04 -19.68 9.11
C ILE B 332 5.86 -20.42 7.78
N PHE B 333 6.06 -19.69 6.67
CA PHE B 333 5.99 -20.26 5.33
C PHE B 333 7.41 -20.23 4.75
N HIS B 334 8.11 -21.37 4.83
CA HIS B 334 9.47 -21.44 4.33
C HIS B 334 9.55 -21.94 2.89
N TYR B 335 8.43 -22.01 2.19
CA TYR B 335 8.35 -22.34 0.77
C TYR B 335 8.94 -23.71 0.43
N GLY B 336 9.27 -24.52 1.43
CA GLY B 336 9.94 -25.78 1.20
C GLY B 336 11.45 -25.68 1.09
N THR B 337 12.05 -24.67 1.73
CA THR B 337 13.48 -24.45 1.66
C THR B 337 14.19 -24.82 2.97
N SER B 338 13.58 -25.69 3.77
CA SER B 338 14.12 -26.04 5.07
C SER B 338 13.95 -27.53 5.33
N GLN B 339 14.92 -28.10 6.04
CA GLN B 339 14.79 -29.50 6.45
C GLN B 339 13.79 -29.64 7.59
N LYS B 340 13.65 -28.60 8.42
CA LYS B 340 12.71 -28.61 9.52
C LYS B 340 11.34 -28.15 9.05
N SER B 341 10.30 -28.63 9.73
CA SER B 341 8.94 -28.33 9.33
C SER B 341 8.58 -26.88 9.67
N GLU B 342 7.50 -26.41 9.06
CA GLU B 342 7.00 -25.05 9.32
C GLU B 342 6.49 -24.87 10.73
N ARG B 343 6.46 -25.93 11.55
CA ARG B 343 6.14 -25.82 12.97
C ARG B 343 7.32 -26.14 13.87
N GLU B 344 8.37 -26.79 13.36
CA GLU B 344 9.61 -26.90 14.11
C GLU B 344 10.23 -25.53 14.31
N LEU B 345 10.20 -24.68 13.29
CA LEU B 345 10.73 -23.33 13.40
C LEU B 345 9.90 -22.48 14.36
N LEU B 346 8.62 -22.80 14.55
CA LEU B 346 7.81 -22.07 15.51
C LEU B 346 8.39 -22.17 16.91
N GLU B 347 8.93 -23.34 17.27
CA GLU B 347 9.52 -23.50 18.59
C GLU B 347 10.82 -22.70 18.71
N ILE B 348 11.58 -22.57 17.62
CA ILE B 348 12.81 -21.79 17.67
C ILE B 348 12.50 -20.29 17.70
N VAL B 349 11.40 -19.87 17.08
CA VAL B 349 11.05 -18.46 17.07
C VAL B 349 10.69 -17.98 18.47
N LYS B 350 9.77 -18.67 19.14
CA LYS B 350 9.37 -18.25 20.47
C LYS B 350 10.40 -18.58 21.54
N LYS B 351 11.34 -19.49 21.26
CA LYS B 351 12.45 -19.69 22.17
C LYS B 351 13.46 -18.55 22.12
N ASN B 352 13.43 -17.74 21.07
CA ASN B 352 14.42 -16.69 20.87
C ASN B 352 13.83 -15.29 20.78
N PHE B 353 12.61 -15.14 20.26
CA PHE B 353 12.02 -13.83 20.03
C PHE B 353 10.86 -13.59 20.99
N ASP B 354 10.79 -12.37 21.51
CA ASP B 354 9.68 -11.91 22.34
C ASP B 354 8.99 -10.80 21.54
N LEU B 355 7.88 -11.15 20.90
CA LEU B 355 7.25 -10.27 19.91
C LEU B 355 6.09 -9.46 20.47
N ARG B 356 6.08 -9.20 21.77
CA ARG B 356 5.14 -8.23 22.31
C ARG B 356 5.49 -6.84 21.78
N PRO B 357 4.50 -6.05 21.35
CA PRO B 357 4.80 -4.74 20.75
C PRO B 357 5.57 -3.82 21.69
N GLY B 358 5.22 -3.80 22.97
CA GLY B 358 5.98 -3.03 23.95
C GLY B 358 7.39 -3.55 24.14
N VAL B 359 7.63 -4.83 23.91
CA VAL B 359 8.97 -5.38 23.99
C VAL B 359 9.76 -5.16 22.70
N ILE B 360 9.07 -5.03 21.57
CA ILE B 360 9.76 -4.77 20.30
C ILE B 360 10.46 -3.42 20.34
N VAL B 361 9.82 -2.41 20.92
CA VAL B 361 10.42 -1.08 20.99
C VAL B 361 11.64 -1.06 21.91
N ARG B 362 11.72 -2.00 22.86
CA ARG B 362 12.88 -2.06 23.73
C ARG B 362 14.04 -2.82 23.11
N ASP B 363 13.76 -3.81 22.27
CA ASP B 363 14.80 -4.59 21.62
C ASP B 363 15.32 -3.92 20.35
N LEU B 364 14.44 -3.31 19.57
CA LEU B 364 14.84 -2.64 18.33
C LEU B 364 15.14 -1.16 18.53
N ASP B 365 15.06 -0.66 19.77
CA ASP B 365 15.41 0.72 20.09
C ASP B 365 14.61 1.71 19.24
N LEU B 366 13.30 1.50 19.20
CA LEU B 366 12.42 2.25 18.31
C LEU B 366 12.01 3.61 18.86
N LYS B 367 12.58 4.04 19.99
CA LYS B 367 12.33 5.39 20.49
C LYS B 367 13.32 6.41 19.97
N LYS B 368 14.46 5.96 19.44
CA LYS B 368 15.45 6.88 18.90
C LYS B 368 14.97 7.48 17.59
N PRO B 369 15.37 8.71 17.27
CA PRO B 369 14.93 9.32 16.01
C PRO B 369 15.79 8.87 14.83
N ILE B 370 15.41 7.76 14.21
CA ILE B 370 16.13 7.17 13.10
C ILE B 370 15.25 6.98 11.88
N TYR B 371 14.03 7.53 11.89
CA TYR B 371 13.03 7.16 10.90
C TYR B 371 13.13 7.97 9.62
N GLN B 372 13.85 9.09 9.61
CA GLN B 372 14.05 9.81 8.35
C GLN B 372 14.98 9.04 7.42
N ARG B 373 15.98 8.34 7.98
CA ARG B 373 16.86 7.53 7.15
C ARG B 373 16.14 6.33 6.55
N THR B 374 15.03 5.90 7.15
CA THR B 374 14.27 4.77 6.59
C THR B 374 13.34 5.19 5.46
N ALA B 375 12.98 6.47 5.38
CA ALA B 375 11.94 6.92 4.46
C ALA B 375 12.48 7.14 3.04
N ALA B 376 13.51 6.39 2.66
CA ALA B 376 14.05 6.46 1.31
C ALA B 376 14.94 5.24 1.08
N TYR B 377 14.86 4.71 -0.15
CA TYR B 377 15.66 3.56 -0.58
C TYR B 377 15.33 2.28 0.18
N GLY B 378 14.12 2.20 0.75
CA GLY B 378 13.67 0.96 1.37
C GLY B 378 13.93 0.86 2.85
N HIS B 379 12.91 0.46 3.61
CA HIS B 379 13.04 0.24 5.05
C HIS B 379 13.75 -1.06 5.39
N PHE B 380 13.93 -1.95 4.42
CA PHE B 380 14.48 -3.28 4.67
C PHE B 380 15.67 -3.54 3.76
N GLY B 381 16.71 -4.16 4.32
CA GLY B 381 17.85 -4.60 3.55
C GLY B 381 19.08 -3.72 3.63
N ARG B 382 19.06 -2.66 4.43
CA ARG B 382 20.18 -1.73 4.52
C ARG B 382 20.89 -1.89 5.86
N ASP B 383 22.19 -1.55 5.86
CA ASP B 383 23.12 -1.96 6.90
C ASP B 383 22.72 -1.53 8.30
N SER B 384 22.77 -0.23 8.60
CA SER B 384 22.68 0.25 9.97
C SER B 384 21.22 0.48 10.38
N PHE B 385 20.52 -0.64 10.57
CA PHE B 385 19.19 -0.64 11.13
C PHE B 385 19.08 -1.81 12.11
N PRO B 386 18.42 -1.61 13.26
CA PRO B 386 18.37 -2.68 14.27
C PRO B 386 17.70 -3.94 13.79
N TRP B 387 16.67 -3.84 12.95
CA TRP B 387 15.97 -5.00 12.44
C TRP B 387 16.69 -5.67 11.27
N GLU B 388 17.85 -5.16 10.87
CA GLU B 388 18.64 -5.77 9.80
C GLU B 388 19.87 -6.50 10.32
N VAL B 389 20.09 -6.50 11.63
CA VAL B 389 21.17 -7.28 12.24
C VAL B 389 20.55 -8.58 12.77
N PRO B 390 20.82 -9.73 12.16
CA PRO B 390 20.15 -10.96 12.59
C PRO B 390 20.58 -11.36 13.99
N LYS B 391 19.60 -11.84 14.76
CA LYS B 391 19.86 -12.28 16.12
C LYS B 391 20.42 -13.69 16.12
N LYS B 392 21.43 -13.91 16.96
CA LYS B 392 22.04 -15.24 17.09
C LYS B 392 21.05 -16.17 17.76
N LEU B 393 20.55 -17.16 17.02
CA LEU B 393 19.49 -18.02 17.51
C LEU B 393 20.05 -19.16 18.37
N LYS B 394 19.31 -19.50 19.42
CA LYS B 394 19.66 -20.59 20.31
C LYS B 394 18.58 -21.66 20.23
N TYR B 395 18.98 -22.89 19.92
CA TYR B 395 18.04 -24.00 19.84
C TYR B 395 18.75 -25.33 20.08
OAC U4P C . -10.51 6.84 14.74
CAM U4P C . -10.88 5.88 15.68
NAI U4P C . -10.98 6.28 17.08
CAL U4P C . -11.34 5.38 18.05
OAB U4P C . -11.44 5.76 19.40
CAK U4P C . -11.61 4.03 17.68
CAG U4P C . -11.52 3.62 16.34
NAR U4P C . -11.15 4.55 15.33
C1' U4P C . -11.08 4.06 14.01
O4' U4P C . -9.59 3.98 13.52
C4' U4P C . -9.80 4.53 12.08
C5' U4P C . -8.58 5.22 11.60
C3' U4P C . -10.90 5.49 12.18
O3' U4P C . -11.51 5.73 10.86
C2' U4P C . -11.84 4.86 13.05
O2' U4P C . -12.69 3.95 12.25
N MED D . 0.99 12.95 -12.45
CA MED D . 0.19 11.90 -13.05
C MED D . -0.34 12.36 -14.38
O MED D . -1.26 13.20 -14.45
CB MED D . 1.07 10.65 -13.26
CG MED D . 2.06 10.49 -12.04
SD MED D . 3.77 10.35 -12.63
CE MED D . 3.73 9.57 -14.25
OXT MED D . 0.15 11.89 -15.44
C1 EDO E . -0.53 17.63 26.52
O1 EDO E . -0.02 17.56 25.18
C2 EDO E . -0.81 16.22 27.03
O2 EDO E . 0.41 15.48 27.10
N MET F . -3.45 7.07 13.02
CA MET F . -4.50 8.02 13.35
C MET F . -4.27 8.56 14.76
O MET F . -3.75 7.83 15.64
CB MET F . -5.89 7.34 13.25
CG MET F . -5.81 6.02 12.41
SD MET F . -7.25 4.99 12.85
CE MET F . -6.76 3.28 12.86
OXT MET F . -4.60 9.73 15.03
OAC U4P G . 6.67 12.79 -13.69
CAM U4P G . 7.44 12.06 -14.60
NAI U4P G . 7.65 12.64 -15.91
CAL U4P G . 8.40 12.00 -16.87
OAB U4P G . 8.59 12.58 -18.13
CAK U4P G . 8.97 10.72 -16.56
CAG U4P G . 8.77 10.15 -15.30
NAR U4P G . 8.01 10.81 -14.30
C1' U4P G . 7.87 10.13 -13.06
O4' U4P G . 6.57 9.26 -13.05
C4' U4P G . 6.17 9.47 -11.58
C5' U4P G . 4.70 9.34 -11.40
C3' U4P G . 6.65 10.80 -11.18
O3' U4P G . 6.89 10.83 -9.73
C2' U4P G . 7.86 11.02 -11.89
O2' U4P G . 9.00 10.67 -11.00
#